data_1VQR
#
_entry.id   1VQR
#
_cell.length_a   123.141
_cell.length_b   122.090
_cell.length_c   96.897
_cell.angle_alpha   90.00
_cell.angle_beta   120.58
_cell.angle_gamma   90.00
#
_symmetry.space_group_name_H-M   'C 1 2 1'
#
loop_
_entity.id
_entity.type
_entity.pdbx_description
1 polymer 'hypothetical protein Cj0248'
2 water water
#
_entity_poly.entity_id   1
_entity_poly.type   'polypeptide(L)'
_entity_poly.pdbx_seq_one_letter_code
;(MSE)GSDKIHHHHHH(MSE)IGD(MSE)NELLLKSVEVLPPLPDTVSKLRKYVSEANSNIET(MSE)KVAEIISSDPL
(MSE)TAKLLQLANSPYYGFTREITTINQVITLLGVGNIINIV(MSE)ADSIRDNFKIDVSPYGLNTQNFLKTCNEEATF
IANWLNDEDKKLSHLLVPCA(MSE)LLRLGIVIFSNFLIQNHKDKDFLAFLNKNENLALAENEFLGVDHISFLGFLLHRW
NFDDVLIESICFVRTPHAAREKVKKSAYALAITDHLFAPHDGSSPFNAKAAVALLKEAKTQGINFDLNNLLSKLPNKAKE
NLNKED
;
_entity_poly.pdbx_strand_id   A,B,C,D
#
# COMPACT_ATOMS: atom_id res chain seq x y z
N HIS A 12 6.48 29.47 -28.96
CA HIS A 12 7.28 29.38 -30.20
C HIS A 12 8.42 28.33 -30.12
N ILE A 14 9.48 25.00 -28.43
CA ILE A 14 8.70 23.86 -27.94
C ILE A 14 8.79 23.90 -26.41
N GLY A 15 7.62 23.94 -25.75
CA GLY A 15 7.53 24.03 -24.28
C GLY A 15 7.36 25.41 -23.64
N ASP A 16 7.47 26.48 -24.42
CA ASP A 16 7.30 27.87 -23.93
C ASP A 16 5.86 28.19 -23.53
N ASN A 18 3.61 26.32 -22.71
CA ASN A 18 3.34 25.58 -21.49
C ASN A 18 3.63 26.38 -20.22
N GLU A 19 4.71 27.16 -20.23
CA GLU A 19 5.11 27.94 -19.08
C GLU A 19 4.27 29.17 -18.90
N LEU A 20 3.85 29.76 -20.01
CA LEU A 20 2.92 30.92 -19.99
C LEU A 20 1.57 30.53 -19.39
N LEU A 21 1.06 29.41 -19.87
CA LEU A 21 -0.19 28.87 -19.40
C LEU A 21 -0.13 28.53 -17.92
N LEU A 22 1.02 27.97 -17.52
CA LEU A 22 1.28 27.63 -16.12
C LEU A 22 1.14 28.88 -15.28
N LYS A 23 1.84 29.94 -15.65
CA LYS A 23 1.73 31.21 -14.97
C LYS A 23 0.32 31.70 -14.87
N SER A 24 -0.46 31.49 -15.94
CA SER A 24 -1.86 31.94 -15.99
C SER A 24 -2.78 31.24 -14.98
N VAL A 25 -2.33 30.13 -14.41
CA VAL A 25 -3.17 29.42 -13.44
C VAL A 25 -2.53 29.30 -12.05
N GLU A 26 -1.56 30.16 -11.77
CA GLU A 26 -0.96 30.19 -10.45
C GLU A 26 -1.99 30.58 -9.37
N VAL A 27 -2.97 31.41 -9.73
CA VAL A 27 -4.15 31.69 -8.92
C VAL A 27 -5.37 31.27 -9.73
N LEU A 28 -6.14 30.34 -9.20
CA LEU A 28 -7.39 29.93 -9.81
C LEU A 28 -8.54 30.17 -8.83
N PRO A 29 -9.57 30.92 -9.25
CA PRO A 29 -10.70 31.14 -8.36
C PRO A 29 -11.61 29.90 -8.31
N PRO A 30 -12.45 29.77 -7.26
CA PRO A 30 -13.48 28.75 -7.26
C PRO A 30 -14.63 29.17 -8.19
N LEU A 31 -15.51 28.25 -8.54
CA LEU A 31 -16.75 28.60 -9.20
C LEU A 31 -17.55 29.39 -8.20
N PRO A 32 -18.21 30.50 -8.65
CA PRO A 32 -19.12 31.27 -7.77
C PRO A 32 -20.14 30.40 -7.06
N ASP A 33 -20.60 29.33 -7.71
CA ASP A 33 -21.57 28.39 -7.13
C ASP A 33 -21.03 27.57 -6.00
N THR A 34 -19.76 27.20 -6.12
CA THR A 34 -19.03 26.54 -5.04
C THR A 34 -18.96 27.45 -3.80
N VAL A 35 -18.60 28.70 -4.04
CA VAL A 35 -18.57 29.71 -2.95
C VAL A 35 -19.93 29.87 -2.27
N SER A 36 -21.00 29.96 -3.06
CA SER A 36 -22.35 30.12 -2.51
C SER A 36 -22.79 28.91 -1.73
N LYS A 37 -22.58 27.71 -2.29
CA LYS A 37 -23.05 26.47 -1.64
C LYS A 37 -22.28 26.24 -0.36
N LEU A 38 -20.99 26.50 -0.43
CA LEU A 38 -20.13 26.25 0.72
C LEU A 38 -20.44 27.23 1.84
N ARG A 39 -20.66 28.50 1.49
CA ARG A 39 -21.03 29.50 2.48
C ARG A 39 -22.37 29.19 3.16
N LYS A 40 -23.35 28.72 2.40
CA LYS A 40 -24.65 28.35 2.93
C LYS A 40 -24.50 27.16 3.90
N TYR A 41 -23.84 26.11 3.43
CA TYR A 41 -23.66 24.90 4.21
C TYR A 41 -22.97 25.23 5.53
N VAL A 42 -21.91 26.03 5.45
CA VAL A 42 -21.14 26.41 6.65
C VAL A 42 -21.93 27.33 7.60
N SER A 43 -22.60 28.38 7.08
CA SER A 43 -23.42 29.32 7.90
C SER A 43 -24.48 28.60 8.71
N GLU A 44 -25.04 27.56 8.10
CA GLU A 44 -26.20 26.86 8.64
C GLU A 44 -25.86 25.60 9.40
N ALA A 45 -24.59 25.17 9.36
CA ALA A 45 -24.16 24.03 10.17
C ALA A 45 -24.18 24.33 11.68
N ASN A 48 -22.71 20.12 13.17
CA ASN A 48 -21.29 20.19 12.81
C ASN A 48 -20.94 19.57 11.44
N ILE A 49 -19.75 19.88 10.94
CA ILE A 49 -19.45 19.67 9.53
C ILE A 49 -19.34 18.20 9.15
N GLU A 50 -19.96 17.86 8.02
CA GLU A 50 -19.83 16.57 7.38
C GLU A 50 -18.91 16.72 6.16
N THR A 51 -17.82 15.92 6.15
CA THR A 51 -16.87 15.86 5.03
C THR A 51 -17.51 15.57 3.68
N LYS A 53 -20.58 16.23 2.61
CA LYS A 53 -21.28 17.39 2.05
C LYS A 53 -20.29 18.38 1.41
N VAL A 54 -19.14 18.57 2.07
CA VAL A 54 -18.08 19.38 1.51
C VAL A 54 -17.54 18.75 0.21
N ALA A 55 -17.35 17.43 0.18
CA ALA A 55 -16.83 16.71 -0.98
C ALA A 55 -17.77 16.86 -2.16
N GLU A 56 -19.05 16.77 -1.87
CA GLU A 56 -20.05 16.84 -2.91
C GLU A 56 -20.03 18.22 -3.62
N ILE A 57 -19.86 19.29 -2.84
CA ILE A 57 -19.67 20.63 -3.40
C ILE A 57 -18.34 20.79 -4.19
N ILE A 58 -17.23 20.32 -3.64
CA ILE A 58 -15.95 20.46 -4.34
C ILE A 58 -15.85 19.62 -5.61
N SER A 59 -16.44 18.43 -5.61
CA SER A 59 -16.18 17.40 -6.61
C SER A 59 -16.65 17.78 -8.02
N SER A 60 -17.61 18.69 -8.08
CA SER A 60 -18.11 19.27 -9.33
C SER A 60 -17.40 20.54 -9.76
N ASP A 61 -16.39 21.01 -9.00
CA ASP A 61 -15.68 22.24 -9.32
C ASP A 61 -14.30 21.83 -9.85
N PRO A 62 -14.09 21.99 -11.18
CA PRO A 62 -12.82 21.67 -11.80
C PRO A 62 -11.65 22.50 -11.28
N LEU A 63 -11.91 23.76 -10.95
CA LEU A 63 -10.86 24.66 -10.52
C LEU A 63 -10.39 24.29 -9.15
N THR A 65 -10.93 21.40 -7.61
CA THR A 65 -10.40 20.06 -7.74
C THR A 65 -8.88 20.14 -8.00
N ALA A 66 -8.52 21.01 -8.94
CA ALA A 66 -7.14 21.19 -9.32
C ALA A 66 -6.33 21.89 -8.20
N LYS A 67 -6.82 23.01 -7.68
CA LYS A 67 -6.04 23.72 -6.69
C LYS A 67 -5.87 22.91 -5.38
N LEU A 68 -6.93 22.19 -4.99
CA LEU A 68 -6.91 21.46 -3.77
C LEU A 68 -6.03 20.24 -3.88
N LEU A 69 -6.09 19.54 -5.01
CA LEU A 69 -5.18 18.43 -5.26
C LEU A 69 -3.71 18.86 -5.35
N GLN A 70 -3.49 20.06 -5.88
CA GLN A 70 -2.16 20.63 -5.93
C GLN A 70 -1.63 20.87 -4.51
N LEU A 71 -2.42 21.58 -3.70
CA LEU A 71 -1.99 21.87 -2.36
C LEU A 71 -1.76 20.56 -1.58
N ALA A 72 -2.66 19.62 -1.75
CA ALA A 72 -2.57 18.37 -1.01
C ALA A 72 -1.38 17.51 -1.43
N ASN A 73 -0.91 17.65 -2.67
CA ASN A 73 0.28 16.92 -3.14
C ASN A 73 1.58 17.69 -2.96
N SER A 74 1.49 18.82 -2.27
CA SER A 74 2.60 19.67 -1.98
C SER A 74 3.56 19.00 -0.97
N PRO A 75 4.88 19.21 -1.11
CA PRO A 75 5.86 18.77 -0.11
C PRO A 75 5.56 19.17 1.33
N TYR A 76 4.91 20.31 1.54
CA TYR A 76 4.50 20.73 2.88
C TYR A 76 3.83 19.60 3.69
N TYR A 77 3.08 18.71 3.01
CA TYR A 77 2.34 17.65 3.70
C TYR A 77 2.95 16.28 3.59
N GLY A 78 3.98 16.15 2.76
CA GLY A 78 4.70 14.88 2.70
C GLY A 78 3.91 13.67 2.20
N PHE A 79 2.96 13.91 1.30
CA PHE A 79 2.26 12.85 0.56
C PHE A 79 2.33 13.17 -0.91
N THR A 80 3.43 13.80 -1.35
CA THR A 80 3.61 14.20 -2.76
C THR A 80 3.37 13.09 -3.79
N ARG A 81 2.49 13.39 -4.76
CA ARG A 81 2.10 12.45 -5.84
C ARG A 81 1.29 11.25 -5.35
N GLU A 82 0.75 11.34 -4.15
CA GLU A 82 0.01 10.24 -3.54
C GLU A 82 -1.47 10.55 -3.35
N ILE A 83 -1.85 11.82 -3.47
CA ILE A 83 -3.24 12.21 -3.25
C ILE A 83 -3.96 12.31 -4.59
N THR A 84 -4.99 11.52 -4.75
CA THR A 84 -5.74 11.46 -6.03
C THR A 84 -7.26 11.67 -5.91
N THR A 85 -7.82 11.61 -4.69
CA THR A 85 -9.25 11.73 -4.50
C THR A 85 -9.63 12.93 -3.62
N ILE A 86 -10.86 13.38 -3.80
CA ILE A 86 -11.41 14.51 -3.01
C ILE A 86 -11.56 14.16 -1.52
N ASN A 87 -11.95 12.92 -1.23
CA ASN A 87 -11.95 12.44 0.15
C ASN A 87 -10.58 12.46 0.80
N GLN A 88 -9.54 12.03 0.07
CA GLN A 88 -8.18 12.12 0.60
C GLN A 88 -7.77 13.58 0.81
N VAL A 89 -8.15 14.45 -0.11
CA VAL A 89 -7.87 15.85 0.00
C VAL A 89 -8.46 16.40 1.30
N ILE A 90 -9.73 16.05 1.54
CA ILE A 90 -10.41 16.56 2.73
C ILE A 90 -9.73 16.01 3.98
N THR A 91 -9.45 14.71 3.97
CA THR A 91 -8.72 14.08 5.06
C THR A 91 -7.38 14.76 5.37
N LEU A 92 -6.61 15.11 4.34
CA LEU A 92 -5.28 15.66 4.56
C LEU A 92 -5.34 17.15 4.91
N LEU A 93 -6.04 17.92 4.07
CA LEU A 93 -6.13 19.38 4.24
C LEU A 93 -6.99 19.82 5.41
N GLY A 94 -8.06 19.09 5.66
CA GLY A 94 -9.09 19.54 6.60
C GLY A 94 -10.06 20.52 5.96
N VAL A 95 -11.26 20.56 6.51
CA VAL A 95 -12.30 21.43 6.04
C VAL A 95 -11.96 22.91 6.28
N GLY A 96 -11.31 23.19 7.38
CA GLY A 96 -10.89 24.59 7.69
C GLY A 96 -10.09 25.23 6.55
N ASN A 97 -9.08 24.53 6.05
CA ASN A 97 -8.26 25.07 4.96
C ASN A 97 -9.10 25.19 3.72
N ILE A 98 -9.99 24.24 3.48
CA ILE A 98 -10.79 24.22 2.27
C ILE A 98 -11.73 25.43 2.27
N ILE A 99 -12.40 25.63 3.39
CA ILE A 99 -13.23 26.82 3.54
C ILE A 99 -12.42 28.10 3.26
N ASN A 100 -11.29 28.24 3.93
CA ASN A 100 -10.50 29.48 3.79
C ASN A 100 -10.02 29.70 2.35
N ILE A 101 -9.75 28.61 1.64
CA ILE A 101 -9.33 28.73 0.25
C ILE A 101 -10.50 29.09 -0.65
N VAL A 102 -11.67 28.49 -0.41
CA VAL A 102 -12.83 28.78 -1.24
C VAL A 102 -13.41 30.22 -1.01
N ALA A 104 -11.58 32.81 -0.10
CA ALA A 104 -10.57 33.79 -0.43
C ALA A 104 -10.95 34.63 -1.65
N ASP A 105 -10.48 35.88 -1.67
CA ASP A 105 -10.78 36.83 -2.74
C ASP A 105 -9.49 37.49 -3.22
N SER A 106 -9.04 37.19 -4.43
CA SER A 106 -7.89 37.95 -4.98
C SER A 106 -8.38 39.16 -5.80
N ILE A 107 -8.41 40.31 -5.15
CA ILE A 107 -9.03 41.50 -5.70
C ILE A 107 -8.49 41.84 -7.08
N ARG A 108 -7.18 41.94 -7.19
CA ARG A 108 -6.54 42.31 -8.46
C ARG A 108 -6.54 41.17 -9.50
N ASP A 109 -6.85 39.95 -9.08
CA ASP A 109 -6.79 38.83 -10.03
C ASP A 109 -7.88 38.88 -11.08
N ASN A 110 -7.48 38.61 -12.31
CA ASN A 110 -8.34 38.70 -13.49
C ASN A 110 -8.73 37.40 -14.22
N PHE A 111 -8.62 36.26 -13.55
CA PHE A 111 -8.99 34.98 -14.16
C PHE A 111 -10.49 35.00 -14.52
N LYS A 112 -10.79 34.71 -15.79
CA LYS A 112 -12.17 34.63 -16.31
C LYS A 112 -12.61 33.20 -16.46
N ILE A 113 -13.72 32.86 -15.82
CA ILE A 113 -14.36 31.57 -15.98
C ILE A 113 -15.37 31.71 -17.14
N ASP A 114 -14.99 31.35 -18.35
CA ASP A 114 -15.78 31.73 -19.53
C ASP A 114 -15.37 30.89 -20.70
N VAL A 115 -16.23 29.93 -21.09
CA VAL A 115 -15.95 28.99 -22.17
C VAL A 115 -16.56 29.40 -23.51
N SER A 116 -16.98 30.67 -23.60
CA SER A 116 -17.53 31.16 -24.81
C SER A 116 -16.58 31.12 -26.00
N PRO A 117 -15.23 31.22 -25.77
CA PRO A 117 -14.30 31.04 -26.91
C PRO A 117 -14.41 29.69 -27.65
N TYR A 118 -14.88 28.67 -26.94
CA TYR A 118 -15.14 27.37 -27.53
C TYR A 118 -16.56 27.24 -28.07
N GLY A 119 -17.29 28.36 -28.12
CA GLY A 119 -18.67 28.34 -28.58
C GLY A 119 -19.63 27.70 -27.58
N LEU A 120 -19.27 27.70 -26.31
CA LEU A 120 -20.13 27.09 -25.29
C LEU A 120 -20.77 28.12 -24.38
N ASN A 121 -21.96 27.79 -23.90
CA ASN A 121 -22.61 28.54 -22.81
C ASN A 121 -21.98 28.08 -21.46
N THR A 122 -21.33 29.01 -20.78
CA THR A 122 -20.62 28.72 -19.56
C THR A 122 -21.49 28.08 -18.48
N GLN A 123 -22.65 28.64 -18.26
CA GLN A 123 -23.55 28.12 -17.26
C GLN A 123 -23.99 26.68 -17.58
N ASN A 124 -24.33 26.41 -18.83
CA ASN A 124 -24.64 25.04 -19.24
C ASN A 124 -23.48 24.08 -19.13
N PHE A 125 -22.27 24.54 -19.47
CA PHE A 125 -21.07 23.74 -19.35
C PHE A 125 -20.81 23.31 -17.89
N LEU A 126 -20.94 24.26 -16.99
CA LEU A 126 -20.73 23.99 -15.56
C LEU A 126 -21.81 23.06 -15.01
N LYS A 127 -23.05 23.26 -15.43
CA LYS A 127 -24.14 22.35 -15.04
C LYS A 127 -23.90 20.91 -15.55
N THR A 128 -23.44 20.79 -16.77
CA THR A 128 -23.10 19.49 -17.33
C THR A 128 -21.89 18.83 -16.68
N CYS A 129 -20.92 19.62 -16.20
CA CYS A 129 -19.83 19.12 -15.36
C CYS A 129 -20.36 18.38 -14.13
N ASN A 130 -21.34 19.00 -13.43
CA ASN A 130 -21.98 18.40 -12.28
C ASN A 130 -22.75 17.15 -12.62
N GLU A 131 -23.47 17.14 -13.75
CA GLU A 131 -24.17 15.94 -14.20
C GLU A 131 -23.17 14.81 -14.53
N GLU A 132 -22.04 15.17 -15.10
CA GLU A 132 -21.01 14.18 -15.39
C GLU A 132 -20.43 13.59 -14.09
N ALA A 133 -20.10 14.47 -13.12
CA ALA A 133 -19.60 14.02 -11.79
C ALA A 133 -20.62 13.10 -11.16
N THR A 134 -21.87 13.51 -11.21
CA THR A 134 -22.98 12.74 -10.65
C THR A 134 -23.13 11.38 -11.35
N PHE A 135 -22.99 11.38 -12.65
CA PHE A 135 -23.07 10.15 -13.43
C PHE A 135 -21.96 9.14 -13.02
N ILE A 136 -20.73 9.61 -12.90
CA ILE A 136 -19.64 8.74 -12.54
C ILE A 136 -19.96 7.99 -11.23
N ALA A 137 -20.37 8.72 -10.19
CA ALA A 137 -20.69 8.11 -8.90
C ALA A 137 -21.86 7.14 -9.07
N ASN A 138 -22.86 7.59 -9.77
CA ASN A 138 -24.02 6.76 -10.03
C ASN A 138 -23.64 5.44 -10.68
N TRP A 139 -22.85 5.57 -11.75
CA TRP A 139 -22.39 4.41 -12.51
C TRP A 139 -21.53 3.44 -11.70
N LEU A 140 -20.57 3.94 -10.92
CA LEU A 140 -19.53 3.08 -10.34
C LEU A 140 -19.43 2.97 -8.82
N ASN A 141 -20.16 3.76 -8.03
CA ASN A 141 -19.96 3.74 -6.56
C ASN A 141 -20.14 2.35 -5.96
N ASP A 142 -21.04 1.55 -6.52
CA ASP A 142 -21.23 0.15 -6.10
C ASP A 142 -20.23 -0.76 -6.81
N GLU A 143 -20.22 -0.68 -8.15
CA GLU A 143 -19.42 -1.59 -9.00
C GLU A 143 -17.93 -1.50 -8.70
N ASP A 144 -17.41 -0.28 -8.57
CA ASP A 144 -15.99 -0.04 -8.34
C ASP A 144 -15.78 1.33 -7.69
N LYS A 145 -15.92 1.35 -6.36
CA LYS A 145 -15.94 2.57 -5.55
C LYS A 145 -14.61 3.32 -5.66
N LYS A 146 -13.49 2.58 -5.59
CA LYS A 146 -12.16 3.23 -5.70
C LYS A 146 -12.03 3.92 -7.05
N LEU A 147 -12.48 3.26 -8.12
CA LEU A 147 -12.43 3.88 -9.46
C LEU A 147 -13.32 5.13 -9.56
N SER A 148 -14.53 5.09 -8.97
CA SER A 148 -15.41 6.27 -8.97
C SER A 148 -14.72 7.46 -8.34
N HIS A 149 -14.07 7.23 -7.18
CA HIS A 149 -13.35 8.30 -6.46
C HIS A 149 -12.16 8.90 -7.22
N LEU A 150 -11.45 8.05 -7.98
CA LEU A 150 -10.38 8.50 -8.89
C LEU A 150 -10.92 9.22 -10.13
N LEU A 151 -12.04 8.73 -10.66
CA LEU A 151 -12.51 9.15 -11.99
C LEU A 151 -13.17 10.49 -12.01
N VAL A 152 -13.93 10.84 -10.96
CA VAL A 152 -14.54 12.15 -10.93
C VAL A 152 -13.47 13.27 -11.09
N PRO A 153 -12.40 13.23 -10.28
CA PRO A 153 -11.33 14.20 -10.47
C PRO A 153 -10.68 14.17 -11.84
N CYS A 154 -10.54 12.98 -12.43
CA CYS A 154 -10.00 12.86 -13.80
C CYS A 154 -10.84 13.59 -14.81
N ALA A 155 -12.15 13.44 -14.67
CA ALA A 155 -13.11 14.03 -15.62
C ALA A 155 -13.17 15.55 -15.43
N LEU A 157 -10.77 17.36 -14.19
CA LEU A 157 -9.50 17.90 -14.62
C LEU A 157 -9.47 17.99 -16.15
N LEU A 158 -10.01 16.98 -16.82
CA LEU A 158 -10.19 17.03 -18.26
C LEU A 158 -10.96 18.30 -18.67
N ARG A 159 -12.08 18.56 -17.99
CA ARG A 159 -12.92 19.72 -18.30
C ARG A 159 -12.22 21.04 -18.04
N LEU A 160 -11.31 21.05 -17.06
CA LEU A 160 -10.50 22.25 -16.75
C LEU A 160 -9.64 22.71 -17.92
N GLY A 161 -9.25 21.79 -18.80
CA GLY A 161 -8.44 22.13 -19.99
C GLY A 161 -8.99 23.31 -20.78
N ILE A 162 -10.24 23.21 -21.21
CA ILE A 162 -10.81 24.30 -21.96
C ILE A 162 -11.12 25.56 -21.15
N VAL A 163 -11.31 25.42 -19.83
CA VAL A 163 -11.46 26.58 -18.95
C VAL A 163 -10.14 27.36 -18.90
N ILE A 164 -9.04 26.68 -18.74
CA ILE A 164 -7.72 27.33 -18.73
C ILE A 164 -7.41 27.96 -20.12
N PHE A 165 -7.69 27.21 -21.17
CA PHE A 165 -7.43 27.70 -22.52
C PHE A 165 -8.28 28.93 -22.83
N SER A 166 -9.56 28.88 -22.46
CA SER A 166 -10.44 30.00 -22.70
C SER A 166 -9.94 31.24 -22.01
N ASN A 167 -9.58 31.16 -20.73
CA ASN A 167 -9.07 32.33 -20.00
C ASN A 167 -7.84 32.88 -20.66
N PHE A 168 -6.91 32.01 -21.03
CA PHE A 168 -5.68 32.44 -21.69
C PHE A 168 -5.98 33.19 -22.97
N LEU A 169 -6.91 32.65 -23.76
CA LEU A 169 -7.29 33.28 -25.03
C LEU A 169 -7.89 34.65 -24.81
N ILE A 170 -8.75 34.75 -23.78
CA ILE A 170 -9.40 36.00 -23.44
C ILE A 170 -8.40 37.01 -22.91
N GLN A 171 -7.50 36.60 -22.02
CA GLN A 171 -6.48 37.52 -21.48
C GLN A 171 -5.61 38.09 -22.59
N ASN A 172 -5.42 37.32 -23.65
CA ASN A 172 -4.51 37.70 -24.73
C ASN A 172 -5.20 38.17 -25.98
N HIS A 173 -6.50 38.42 -25.88
CA HIS A 173 -7.28 38.99 -26.98
C HIS A 173 -7.28 38.13 -28.25
N LYS A 174 -7.30 36.81 -28.09
CA LYS A 174 -7.33 35.89 -29.24
C LYS A 174 -8.62 35.08 -29.31
N ASP A 175 -9.52 35.32 -28.37
CA ASP A 175 -10.71 34.46 -28.22
C ASP A 175 -11.67 34.55 -29.39
N LYS A 176 -11.82 35.74 -29.94
CA LYS A 176 -12.67 35.94 -31.10
C LYS A 176 -12.15 35.27 -32.35
N ASP A 177 -10.86 35.42 -32.60
CA ASP A 177 -10.21 34.76 -33.73
C ASP A 177 -10.26 33.23 -33.55
N PHE A 178 -10.04 32.75 -32.32
CA PHE A 178 -10.07 31.34 -32.02
C PHE A 178 -11.44 30.73 -32.29
N LEU A 179 -12.50 31.36 -31.75
CA LEU A 179 -13.89 30.95 -31.98
C LEU A 179 -14.27 30.95 -33.47
N ALA A 180 -13.94 32.03 -34.17
CA ALA A 180 -14.17 32.09 -35.64
C ALA A 180 -13.54 30.89 -36.32
N PHE A 181 -12.25 30.63 -36.04
CA PHE A 181 -11.55 29.50 -36.61
C PHE A 181 -12.21 28.16 -36.23
N LEU A 182 -12.56 28.01 -34.96
CA LEU A 182 -13.16 26.78 -34.46
C LEU A 182 -14.56 26.57 -35.06
N ASN A 183 -15.36 27.64 -35.08
CA ASN A 183 -16.72 27.62 -35.69
C ASN A 183 -16.67 27.11 -37.12
N LYS A 184 -15.66 27.58 -37.84
CA LYS A 184 -15.48 27.26 -39.24
C LYS A 184 -14.92 25.84 -39.41
N ASN A 185 -14.03 25.42 -38.52
CA ASN A 185 -13.20 24.24 -38.79
C ASN A 185 -13.55 23.03 -37.92
N GLU A 186 -14.22 23.29 -36.80
CA GLU A 186 -14.93 22.29 -36.01
C GLU A 186 -14.05 21.21 -35.35
N ASN A 187 -12.77 21.52 -35.19
CA ASN A 187 -11.82 20.63 -34.56
C ASN A 187 -11.06 21.37 -33.45
N LEU A 188 -11.23 20.90 -32.22
CA LEU A 188 -10.65 21.57 -31.06
C LEU A 188 -9.12 21.56 -31.02
N ALA A 189 -8.51 20.39 -31.19
CA ALA A 189 -7.05 20.25 -31.15
C ALA A 189 -6.36 21.07 -32.25
N LEU A 190 -6.95 21.10 -33.42
CA LEU A 190 -6.39 21.86 -34.54
C LEU A 190 -6.44 23.37 -34.29
N ALA A 191 -7.53 23.83 -33.67
CA ALA A 191 -7.66 25.22 -33.28
C ALA A 191 -6.67 25.59 -32.19
N GLU A 192 -6.55 24.70 -31.21
CA GLU A 192 -5.63 24.89 -30.08
C GLU A 192 -4.16 24.94 -30.62
N ASN A 193 -3.76 23.97 -31.41
CA ASN A 193 -2.43 23.98 -32.03
C ASN A 193 -2.18 25.22 -32.89
N GLU A 194 -3.21 25.70 -33.59
CA GLU A 194 -3.09 26.92 -34.41
C GLU A 194 -2.86 28.19 -33.58
N PHE A 195 -3.53 28.32 -32.45
CA PHE A 195 -3.49 29.54 -31.68
C PHE A 195 -2.54 29.48 -30.50
N LEU A 196 -2.40 28.31 -29.88
CA LEU A 196 -1.55 28.16 -28.70
C LEU A 196 -0.29 27.30 -28.95
N GLY A 197 -0.27 26.50 -30.01
CA GLY A 197 0.82 25.59 -30.27
C GLY A 197 0.79 24.30 -29.48
N VAL A 198 -0.28 24.09 -28.72
CA VAL A 198 -0.41 22.88 -27.94
C VAL A 198 -1.90 22.61 -27.72
N ASP A 199 -2.25 21.34 -27.51
CA ASP A 199 -3.62 20.96 -27.19
C ASP A 199 -3.81 20.89 -25.68
N HIS A 200 -5.06 20.95 -25.22
CA HIS A 200 -5.27 21.03 -23.75
C HIS A 200 -4.97 19.73 -22.99
N ILE A 201 -5.11 18.58 -23.63
CA ILE A 201 -4.76 17.32 -23.00
C ILE A 201 -3.25 17.22 -22.75
N SER A 202 -2.43 17.54 -23.75
CA SER A 202 -0.96 17.65 -23.53
C SER A 202 -0.59 18.64 -22.46
N PHE A 203 -1.25 19.79 -22.45
CA PHE A 203 -0.97 20.78 -21.45
C PHE A 203 -1.34 20.25 -20.08
N LEU A 204 -2.46 19.55 -19.98
CA LEU A 204 -2.86 19.02 -18.66
C LEU A 204 -1.82 18.04 -18.11
N GLY A 205 -1.26 17.20 -19.00
CA GLY A 205 -0.14 16.31 -18.61
C GLY A 205 1.05 17.10 -18.06
N PHE A 206 1.46 18.14 -18.75
CA PHE A 206 2.55 18.99 -18.28
C PHE A 206 2.18 19.63 -16.93
N LEU A 207 1.02 20.26 -16.92
CA LEU A 207 0.57 20.96 -15.75
C LEU A 207 0.50 20.07 -14.51
N LEU A 208 -0.12 18.91 -14.66
CA LEU A 208 -0.38 18.06 -13.49
C LEU A 208 0.87 17.33 -13.00
N HIS A 209 1.79 17.04 -13.91
CA HIS A 209 3.11 16.54 -13.52
C HIS A 209 3.86 17.61 -12.73
N ARG A 210 3.91 18.83 -13.26
CA ARG A 210 4.55 19.96 -12.54
C ARG A 210 3.96 20.17 -11.15
N TRP A 211 2.66 19.95 -11.01
CA TRP A 211 1.96 20.14 -9.73
C TRP A 211 1.95 18.90 -8.83
N ASN A 212 2.82 17.93 -9.13
CA ASN A 212 3.00 16.72 -8.34
C ASN A 212 1.73 15.86 -8.19
N PHE A 213 0.95 15.73 -9.25
CA PHE A 213 -0.19 14.83 -9.20
C PHE A 213 0.35 13.38 -9.37
N ASP A 214 -0.49 12.42 -9.01
CA ASP A 214 -0.19 11.01 -9.18
C ASP A 214 -0.18 10.62 -10.66
N ASP A 215 0.75 9.73 -11.02
CA ASP A 215 1.02 9.33 -12.40
C ASP A 215 -0.12 8.55 -13.07
N VAL A 216 -0.87 7.77 -12.31
CA VAL A 216 -2.01 7.04 -12.87
C VAL A 216 -3.13 7.98 -13.28
N LEU A 217 -3.47 8.91 -12.40
CA LEU A 217 -4.43 9.95 -12.69
C LEU A 217 -4.01 10.74 -13.95
N ILE A 218 -2.75 11.20 -13.97
CA ILE A 218 -2.24 11.98 -15.11
C ILE A 218 -2.38 11.19 -16.42
N GLU A 219 -1.90 9.97 -16.40
CA GLU A 219 -1.88 9.13 -17.60
C GLU A 219 -3.26 8.65 -18.08
N SER A 220 -4.20 8.54 -17.16
CA SER A 220 -5.60 8.30 -17.56
C SER A 220 -6.10 9.40 -18.44
N ILE A 221 -5.81 10.65 -18.06
CA ILE A 221 -6.16 11.82 -18.85
C ILE A 221 -5.42 11.82 -20.18
N CYS A 222 -4.11 11.63 -20.13
CA CYS A 222 -3.28 11.70 -21.35
C CYS A 222 -3.59 10.61 -22.36
N PHE A 223 -4.09 9.46 -21.90
CA PHE A 223 -4.39 8.34 -22.79
C PHE A 223 -5.90 8.22 -23.05
N VAL A 224 -6.66 9.26 -22.75
CA VAL A 224 -8.09 9.20 -22.94
C VAL A 224 -8.47 8.86 -24.42
N ARG A 225 -7.69 9.34 -25.40
CA ARG A 225 -7.99 9.08 -26.82
C ARG A 225 -7.50 7.68 -27.27
N THR A 226 -6.60 7.07 -26.49
CA THR A 226 -6.07 5.75 -26.81
C THR A 226 -5.95 4.87 -25.56
N PRO A 227 -7.06 4.55 -24.92
CA PRO A 227 -6.99 3.80 -23.68
C PRO A 227 -6.34 2.41 -23.81
N HIS A 228 -6.50 1.75 -24.96
CA HIS A 228 -5.83 0.47 -25.21
C HIS A 228 -4.30 0.60 -25.08
N ALA A 229 -3.77 1.79 -25.33
CA ALA A 229 -2.30 1.95 -25.32
C ALA A 229 -1.71 2.31 -23.96
N ALA A 230 -2.54 2.48 -22.94
CA ALA A 230 -2.01 2.84 -21.64
C ALA A 230 -1.32 1.66 -20.99
N ARG A 231 -0.52 1.94 -19.97
CA ARG A 231 0.03 0.92 -19.11
C ARG A 231 -1.08 0.12 -18.48
N GLU A 232 -0.79 -1.13 -18.14
CA GLU A 232 -1.80 -2.04 -17.63
C GLU A 232 -2.56 -1.45 -16.47
N LYS A 233 -1.86 -0.81 -15.55
CA LYS A 233 -2.52 -0.28 -14.33
C LYS A 233 -3.30 1.01 -14.52
N VAL A 234 -3.16 1.63 -15.69
CA VAL A 234 -3.84 2.86 -16.04
C VAL A 234 -5.05 2.58 -16.93
N LYS A 235 -5.06 1.42 -17.59
CA LYS A 235 -6.09 1.12 -18.60
C LYS A 235 -7.55 1.25 -18.12
N LYS A 236 -7.87 0.68 -16.96
CA LYS A 236 -9.24 0.68 -16.45
C LYS A 236 -9.77 2.13 -16.37
N SER A 237 -9.00 3.02 -15.74
CA SER A 237 -9.38 4.43 -15.57
C SER A 237 -9.32 5.22 -16.89
N ALA A 238 -8.36 4.93 -17.76
CA ALA A 238 -8.35 5.57 -19.07
C ALA A 238 -9.60 5.20 -19.88
N TYR A 239 -9.97 3.91 -19.87
CA TYR A 239 -11.20 3.43 -20.53
C TYR A 239 -12.44 4.10 -19.97
N ALA A 240 -12.57 4.10 -18.66
CA ALA A 240 -13.72 4.64 -17.96
C ALA A 240 -13.85 6.15 -18.20
N LEU A 241 -12.71 6.83 -18.27
CA LEU A 241 -12.72 8.25 -18.57
C LEU A 241 -13.14 8.51 -20.00
N ALA A 242 -12.67 7.69 -20.93
CA ALA A 242 -13.05 7.85 -22.34
C ALA A 242 -14.55 7.52 -22.57
N ILE A 243 -15.04 6.51 -21.88
CA ILE A 243 -16.48 6.19 -21.92
C ILE A 243 -17.26 7.42 -21.50
N THR A 244 -16.92 7.97 -20.34
CA THR A 244 -17.59 9.13 -19.77
C THR A 244 -17.54 10.35 -20.70
N ASP A 245 -16.36 10.59 -21.26
CA ASP A 245 -16.12 11.71 -22.12
C ASP A 245 -16.95 11.62 -23.41
N HIS A 246 -17.11 10.42 -23.97
CA HIS A 246 -18.05 10.24 -25.11
C HIS A 246 -19.49 10.60 -24.72
N LEU A 247 -19.81 10.42 -23.45
CA LEU A 247 -21.14 10.71 -22.97
C LEU A 247 -21.32 12.17 -22.60
N PHE A 248 -20.26 12.82 -22.11
CA PHE A 248 -20.40 14.15 -21.47
C PHE A 248 -19.56 15.28 -22.06
N ALA A 249 -18.78 15.00 -23.12
CA ALA A 249 -18.02 16.05 -23.79
C ALA A 249 -18.96 17.18 -24.20
N PRO A 250 -18.55 18.43 -23.92
CA PRO A 250 -19.42 19.60 -24.12
C PRO A 250 -19.94 19.78 -25.55
N HIS A 251 -19.15 19.48 -26.55
CA HIS A 251 -19.59 19.75 -27.93
C HIS A 251 -20.53 18.69 -28.52
N ASP A 252 -20.24 17.42 -28.28
CA ASP A 252 -20.96 16.33 -28.92
C ASP A 252 -21.21 15.12 -28.02
N GLY A 253 -21.19 15.32 -26.70
CA GLY A 253 -21.46 14.27 -25.74
C GLY A 253 -22.81 13.60 -25.97
N SER A 254 -22.82 12.26 -25.97
CA SER A 254 -24.04 11.45 -26.09
C SER A 254 -24.79 11.56 -27.46
N SER A 255 -24.13 12.11 -28.47
CA SER A 255 -24.60 12.04 -29.83
C SER A 255 -24.78 10.56 -30.18
N PRO A 256 -25.57 10.26 -31.21
CA PRO A 256 -25.64 8.84 -31.61
C PRO A 256 -24.26 8.20 -31.70
N PHE A 257 -23.36 8.84 -32.42
CA PHE A 257 -22.00 8.35 -32.61
C PHE A 257 -21.27 8.11 -31.30
N ASN A 258 -21.39 9.07 -30.38
CA ASN A 258 -20.63 9.03 -29.17
C ASN A 258 -21.23 8.08 -28.14
N ALA A 259 -22.55 7.96 -28.12
CA ALA A 259 -23.22 7.01 -27.26
C ALA A 259 -22.80 5.58 -27.66
N LYS A 260 -22.86 5.29 -28.95
CA LYS A 260 -22.45 4.00 -29.44
C LYS A 260 -21.00 3.73 -29.11
N ALA A 261 -20.18 4.76 -29.29
CA ALA A 261 -18.74 4.62 -29.08
C ALA A 261 -18.41 4.33 -27.61
N ALA A 262 -19.20 4.90 -26.71
CA ALA A 262 -19.04 4.60 -25.26
C ALA A 262 -19.31 3.10 -25.01
N VAL A 263 -20.39 2.56 -25.56
CA VAL A 263 -20.76 1.16 -25.33
C VAL A 263 -19.70 0.22 -25.91
N ALA A 264 -19.24 0.56 -27.10
CA ALA A 264 -18.20 -0.17 -27.77
C ALA A 264 -16.93 -0.27 -26.95
N LEU A 265 -16.56 0.84 -26.32
CA LEU A 265 -15.35 0.91 -25.51
C LEU A 265 -15.41 0.03 -24.30
N LEU A 266 -16.60 -0.08 -23.70
CA LEU A 266 -16.82 -1.01 -22.59
C LEU A 266 -16.51 -2.44 -23.02
N LYS A 267 -16.91 -2.78 -24.24
CA LYS A 267 -16.71 -4.12 -24.77
C LYS A 267 -15.24 -4.38 -25.15
N GLU A 268 -14.54 -3.36 -25.66
CA GLU A 268 -13.10 -3.47 -25.94
C GLU A 268 -12.25 -3.71 -24.64
N ALA A 269 -12.48 -2.93 -23.60
CA ALA A 269 -11.86 -3.17 -22.28
C ALA A 269 -12.05 -4.61 -21.74
N LYS A 270 -13.25 -5.16 -21.98
CA LYS A 270 -13.57 -6.54 -21.61
C LYS A 270 -12.60 -7.53 -22.25
N THR A 271 -12.19 -7.25 -23.49
CA THR A 271 -11.26 -8.13 -24.22
C THR A 271 -9.88 -8.25 -23.56
N GLN A 272 -9.52 -7.26 -22.73
CA GLN A 272 -8.27 -7.30 -21.99
C GLN A 272 -8.46 -7.67 -20.52
N GLY A 273 -9.66 -8.12 -20.15
CA GLY A 273 -9.93 -8.57 -18.78
C GLY A 273 -10.24 -7.46 -17.78
N ILE A 274 -10.49 -6.25 -18.33
CA ILE A 274 -11.05 -5.15 -17.56
C ILE A 274 -12.57 -5.33 -17.67
N ASN A 275 -13.22 -5.63 -16.54
CA ASN A 275 -14.65 -6.00 -16.51
C ASN A 275 -15.56 -4.86 -16.13
N PHE A 276 -16.16 -4.24 -17.14
CA PHE A 276 -17.29 -3.36 -16.91
C PHE A 276 -18.56 -4.18 -17.22
N ASP A 277 -19.59 -4.06 -16.39
CA ASP A 277 -20.87 -4.71 -16.66
C ASP A 277 -21.60 -3.89 -17.72
N LEU A 278 -21.82 -4.51 -18.88
CA LEU A 278 -22.45 -3.87 -20.03
C LEU A 278 -23.82 -3.32 -19.64
N ASN A 279 -24.67 -4.18 -19.11
CA ASN A 279 -26.02 -3.82 -18.67
C ASN A 279 -26.09 -2.68 -17.64
N ASN A 280 -25.16 -2.69 -16.70
CA ASN A 280 -25.05 -1.62 -15.73
C ASN A 280 -24.78 -0.25 -16.37
N LEU A 281 -23.88 -0.20 -17.35
CA LEU A 281 -23.63 1.05 -18.03
C LEU A 281 -24.87 1.49 -18.82
N LEU A 282 -25.42 0.58 -19.61
CA LEU A 282 -26.62 0.87 -20.43
C LEU A 282 -27.77 1.45 -19.62
N SER A 283 -28.07 0.83 -18.47
CA SER A 283 -29.16 1.28 -17.60
C SER A 283 -28.88 2.63 -16.95
N LYS A 284 -27.60 2.96 -16.81
CA LYS A 284 -27.15 4.21 -16.21
C LYS A 284 -26.84 5.34 -17.24
N LEU A 285 -26.85 4.99 -18.53
CA LEU A 285 -26.62 5.99 -19.57
C LEU A 285 -27.56 7.18 -19.40
N PRO A 286 -27.06 8.41 -19.67
CA PRO A 286 -28.03 9.51 -19.74
C PRO A 286 -29.07 9.31 -20.87
N ASN A 287 -30.30 9.73 -20.60
CA ASN A 287 -31.42 9.67 -21.54
C ASN A 287 -31.08 10.04 -22.99
N LYS A 288 -30.38 11.13 -23.15
CA LYS A 288 -29.87 11.55 -24.44
C LYS A 288 -29.11 10.47 -25.14
N ALA A 289 -28.20 9.86 -24.42
CA ALA A 289 -27.41 8.74 -24.96
C ALA A 289 -28.28 7.53 -25.27
N LYS A 290 -29.16 7.16 -24.35
CA LYS A 290 -30.02 5.97 -24.52
C LYS A 290 -30.86 6.12 -25.79
N GLU A 291 -31.41 7.31 -25.93
CA GLU A 291 -32.30 7.61 -27.02
C GLU A 291 -31.55 7.74 -28.35
N ASN A 292 -30.26 8.06 -28.29
CA ASN A 292 -29.41 8.17 -29.47
C ASN A 292 -28.71 6.86 -29.90
N LEU A 293 -28.72 5.86 -29.03
CA LEU A 293 -27.99 4.61 -29.28
C LEU A 293 -28.38 3.90 -30.58
N ASN A 294 -29.61 4.10 -31.04
CA ASN A 294 -30.10 3.44 -32.26
C ASN A 294 -30.17 4.37 -33.48
N LYS A 295 -30.02 5.68 -33.28
CA LYS A 295 -30.09 6.66 -34.39
C LYS A 295 -28.86 6.63 -35.28
N GLU A 296 -28.98 7.13 -36.51
CA GLU A 296 -27.85 7.18 -37.47
C GLU A 296 -26.88 8.29 -37.08
N ASP A 297 -25.59 8.03 -37.31
CA ASP A 297 -24.51 8.96 -36.91
C ASP A 297 -24.59 10.31 -37.64
N ASN B 18 -3.15 31.12 38.40
CA ASN B 18 -3.85 30.62 37.22
C ASN B 18 -3.15 31.13 35.96
N GLU B 19 -2.67 32.36 36.02
CA GLU B 19 -1.96 32.96 34.89
C GLU B 19 -0.56 32.38 34.71
N LEU B 20 0.12 32.08 35.81
CA LEU B 20 1.45 31.46 35.75
C LEU B 20 1.39 30.06 35.16
N LEU B 21 0.40 29.30 35.62
CA LEU B 21 0.13 27.99 35.08
C LEU B 21 -0.22 28.05 33.61
N LEU B 22 -1.05 29.03 33.25
CA LEU B 22 -1.44 29.26 31.85
C LEU B 22 -0.19 29.43 30.98
N LYS B 23 0.70 30.33 31.40
CA LYS B 23 1.98 30.51 30.74
C LYS B 23 2.80 29.21 30.61
N SER B 24 2.76 28.37 31.65
CA SER B 24 3.52 27.10 31.62
C SER B 24 3.05 26.10 30.54
N VAL B 25 1.83 26.28 30.01
CA VAL B 25 1.30 25.34 29.04
C VAL B 25 1.08 25.97 27.67
N GLU B 26 1.74 27.11 27.43
CA GLU B 26 1.67 27.74 26.11
C GLU B 26 2.20 26.79 25.05
N VAL B 27 3.25 26.05 25.40
CA VAL B 27 3.79 24.99 24.53
C VAL B 27 3.71 23.67 25.28
N LEU B 28 2.98 22.72 24.70
CA LEU B 28 2.90 21.37 25.25
C LEU B 28 3.45 20.36 24.26
N PRO B 29 4.32 19.44 24.72
CA PRO B 29 4.83 18.47 23.75
C PRO B 29 3.88 17.28 23.67
N PRO B 30 3.94 16.51 22.56
CA PRO B 30 3.13 15.30 22.50
C PRO B 30 3.78 14.23 23.36
N LEU B 31 3.04 13.18 23.72
CA LEU B 31 3.65 12.04 24.36
C LEU B 31 4.63 11.40 23.37
N PRO B 32 5.82 11.02 23.83
CA PRO B 32 6.79 10.32 22.92
C PRO B 32 6.14 9.14 22.16
N ASP B 33 5.21 8.46 22.84
CA ASP B 33 4.48 7.34 22.26
C ASP B 33 3.58 7.72 21.11
N THR B 34 2.95 8.89 21.24
CA THR B 34 2.15 9.45 20.16
C THR B 34 3.05 9.73 18.97
N VAL B 35 4.21 10.37 19.19
CA VAL B 35 5.19 10.61 18.11
C VAL B 35 5.56 9.31 17.41
N SER B 36 5.94 8.30 18.19
CA SER B 36 6.41 7.03 17.63
C SER B 36 5.34 6.33 16.82
N LYS B 37 4.13 6.29 17.35
CA LYS B 37 3.02 5.62 16.68
C LYS B 37 2.62 6.35 15.40
N LEU B 38 2.61 7.67 15.46
CA LEU B 38 2.20 8.42 14.30
C LEU B 38 3.27 8.36 13.22
N ARG B 39 4.55 8.43 13.62
CA ARG B 39 5.69 8.35 12.68
C ARG B 39 5.67 7.03 11.94
N LYS B 40 5.37 5.98 12.69
CA LYS B 40 5.24 4.64 12.14
C LYS B 40 4.13 4.57 11.12
N TYR B 41 2.94 4.96 11.58
CA TYR B 41 1.73 4.89 10.77
C TYR B 41 1.89 5.64 9.44
N VAL B 42 2.58 6.77 9.46
CA VAL B 42 2.90 7.53 8.22
C VAL B 42 4.06 6.90 7.40
N SER B 43 4.53 5.73 7.83
CA SER B 43 5.46 4.90 7.06
C SER B 43 4.77 3.62 6.54
N GLU B 44 3.67 3.20 7.17
CA GLU B 44 2.89 2.04 6.70
C GLU B 44 2.28 2.33 5.33
N ILE B 49 -4.64 6.29 3.98
CA ILE B 49 -4.59 7.15 5.18
C ILE B 49 -5.97 7.42 5.83
N GLU B 50 -6.19 6.85 7.02
CA GLU B 50 -7.51 6.83 7.62
C GLU B 50 -7.58 7.69 8.88
N THR B 51 -8.42 8.72 8.81
CA THR B 51 -8.59 9.63 9.94
C THR B 51 -8.75 8.89 11.27
N LYS B 53 -7.44 5.94 12.32
CA LYS B 53 -6.19 5.48 12.91
C LYS B 53 -5.50 6.64 13.61
N VAL B 54 -5.52 7.83 12.99
CA VAL B 54 -4.99 9.04 13.60
C VAL B 54 -5.75 9.41 14.88
N ALA B 55 -7.07 9.34 14.81
CA ALA B 55 -7.92 9.71 15.97
C ALA B 55 -7.67 8.80 17.14
N GLU B 56 -7.41 7.52 16.86
CA GLU B 56 -7.10 6.55 17.90
C GLU B 56 -5.79 6.91 18.59
N ILE B 57 -4.76 7.28 17.83
CA ILE B 57 -3.48 7.68 18.41
C ILE B 57 -3.62 8.95 19.25
N ILE B 58 -4.31 9.95 18.73
CA ILE B 58 -4.43 11.24 19.43
C ILE B 58 -5.33 11.15 20.69
N SER B 59 -6.34 10.27 20.66
CA SER B 59 -7.37 10.24 21.68
C SER B 59 -6.85 9.83 23.06
N SER B 60 -5.73 9.10 23.09
CA SER B 60 -5.09 8.67 24.32
C SER B 60 -4.02 9.62 24.83
N ASP B 61 -3.78 10.72 24.12
CA ASP B 61 -2.76 11.71 24.49
C ASP B 61 -3.44 12.97 25.09
N PRO B 62 -3.33 13.16 26.40
CA PRO B 62 -3.99 14.33 27.00
C PRO B 62 -3.42 15.68 26.53
N LEU B 63 -2.13 15.70 26.21
CA LEU B 63 -1.46 16.91 25.82
C LEU B 63 -1.88 17.33 24.42
N THR B 65 -4.63 16.15 22.83
CA THR B 65 -6.05 16.44 22.96
C THR B 65 -6.25 17.92 23.25
N ALA B 66 -5.51 18.41 24.25
CA ALA B 66 -5.63 19.79 24.68
C ALA B 66 -5.18 20.80 23.63
N LYS B 67 -3.98 20.61 23.09
CA LYS B 67 -3.42 21.54 22.12
C LYS B 67 -4.17 21.54 20.80
N LEU B 68 -4.65 20.37 20.36
CA LEU B 68 -5.37 20.31 19.11
C LEU B 68 -6.78 20.88 19.26
N LEU B 69 -7.46 20.63 20.39
CA LEU B 69 -8.79 21.24 20.62
C LEU B 69 -8.73 22.75 20.79
N GLN B 70 -7.60 23.24 21.33
CA GLN B 70 -7.33 24.66 21.42
C GLN B 70 -7.19 25.28 20.03
N LEU B 71 -6.32 24.69 19.21
CA LEU B 71 -6.10 25.19 17.87
C LEU B 71 -7.40 25.13 17.04
N ALA B 72 -8.14 24.04 17.17
CA ALA B 72 -9.39 23.87 16.45
C ALA B 72 -10.51 24.86 16.85
N ASN B 73 -10.51 25.30 18.09
CA ASN B 73 -11.49 26.29 18.59
C ASN B 73 -10.98 27.70 18.51
N SER B 74 -9.86 27.91 17.81
CA SER B 74 -9.30 29.23 17.66
C SER B 74 -10.06 29.98 16.56
N PRO B 75 -10.08 31.34 16.66
CA PRO B 75 -10.80 32.19 15.72
C PRO B 75 -10.36 31.96 14.27
N TYR B 76 -9.10 31.61 14.08
CA TYR B 76 -8.58 31.36 12.72
C TYR B 76 -9.49 30.46 11.88
N TYR B 77 -10.17 29.50 12.55
CA TYR B 77 -11.06 28.56 11.83
C TYR B 77 -12.55 28.93 11.93
N GLY B 78 -12.91 29.89 12.78
CA GLY B 78 -14.31 30.33 12.86
C GLY B 78 -15.30 29.25 13.28
N PHE B 79 -14.88 28.35 14.18
CA PHE B 79 -15.78 27.44 14.88
C PHE B 79 -15.47 27.50 16.38
N THR B 80 -15.15 28.71 16.88
CA THR B 80 -14.75 28.93 18.28
C THR B 80 -15.81 28.44 19.26
N ARG B 81 -15.39 27.59 20.19
CA ARG B 81 -16.27 26.98 21.23
C ARG B 81 -17.24 25.95 20.67
N GLU B 82 -17.01 25.51 19.45
CA GLU B 82 -17.91 24.57 18.85
C GLU B 82 -17.29 23.19 18.63
N ILE B 83 -15.96 23.08 18.78
CA ILE B 83 -15.25 21.83 18.51
C ILE B 83 -15.00 21.13 19.84
N THR B 84 -15.56 19.93 19.99
CA THR B 84 -15.47 19.12 21.22
C THR B 84 -14.92 17.70 21.05
N THR B 85 -14.82 17.18 19.82
CA THR B 85 -14.41 15.80 19.60
C THR B 85 -13.15 15.74 18.76
N ILE B 86 -12.40 14.65 18.91
CA ILE B 86 -11.19 14.45 18.15
C ILE B 86 -11.47 14.25 16.65
N ASN B 87 -12.56 13.57 16.32
CA ASN B 87 -13.03 13.48 14.92
C ASN B 87 -13.33 14.85 14.32
N GLN B 88 -14.04 15.70 15.06
CA GLN B 88 -14.24 17.09 14.62
C GLN B 88 -12.91 17.87 14.46
N VAL B 89 -11.98 17.64 15.38
CA VAL B 89 -10.63 18.23 15.29
C VAL B 89 -9.92 17.82 13.98
N ILE B 90 -9.97 16.53 13.64
CA ILE B 90 -9.31 15.98 12.46
C ILE B 90 -9.96 16.55 11.21
N THR B 91 -11.28 16.54 11.21
CA THR B 91 -12.09 17.10 10.12
C THR B 91 -11.76 18.57 9.86
N LEU B 92 -11.61 19.34 10.94
CA LEU B 92 -11.32 20.76 10.76
C LEU B 92 -9.85 21.04 10.42
N LEU B 93 -8.94 20.49 11.24
CA LEU B 93 -7.49 20.75 11.10
C LEU B 93 -6.83 20.06 9.92
N GLY B 94 -7.34 18.88 9.57
CA GLY B 94 -6.68 17.97 8.65
C GLY B 94 -5.55 17.18 9.30
N VAL B 95 -5.28 16.03 8.71
CA VAL B 95 -4.21 15.13 9.15
C VAL B 95 -2.82 15.75 8.89
N GLY B 96 -2.69 16.51 7.83
CA GLY B 96 -1.45 17.24 7.54
C GLY B 96 -0.96 18.08 8.70
N ASN B 97 -1.83 18.96 9.23
CA ASN B 97 -1.47 19.82 10.35
C ASN B 97 -1.14 19.02 11.60
N ILE B 98 -1.92 17.97 11.80
CA ILE B 98 -1.79 17.12 12.98
C ILE B 98 -0.43 16.44 12.99
N ILE B 99 -0.04 15.89 11.85
CA ILE B 99 1.27 15.30 11.68
C ILE B 99 2.37 16.33 11.86
N ASN B 100 2.28 17.49 11.18
CA ASN B 100 3.27 18.56 11.36
C ASN B 100 3.36 19.07 12.83
N ILE B 101 2.27 19.11 13.58
CA ILE B 101 2.32 19.53 15.00
C ILE B 101 2.98 18.44 15.87
N VAL B 102 2.62 17.19 15.65
CA VAL B 102 3.12 16.10 16.44
C VAL B 102 4.62 15.79 16.20
N ALA B 104 6.77 18.26 15.31
CA ALA B 104 7.50 19.45 15.66
C ALA B 104 8.36 19.22 16.90
N ASP B 105 9.54 19.86 16.92
CA ASP B 105 10.30 19.96 18.16
C ASP B 105 10.54 21.41 18.60
N ASN B 110 11.72 21.90 27.67
CA ASN B 110 11.50 22.42 29.01
C ASN B 110 10.34 21.76 29.77
N PHE B 111 9.20 21.54 29.10
CA PHE B 111 8.06 20.84 29.71
C PHE B 111 8.42 19.40 30.07
N LYS B 112 8.16 19.03 31.32
CA LYS B 112 8.42 17.66 31.80
C LYS B 112 7.12 16.88 31.87
N ILE B 113 7.07 15.73 31.21
CA ILE B 113 5.94 14.80 31.37
C ILE B 113 6.32 13.83 32.45
N ASP B 114 5.82 14.07 33.66
CA ASP B 114 6.33 13.35 34.81
C ASP B 114 5.43 13.54 36.03
N VAL B 115 4.68 12.49 36.36
CA VAL B 115 3.67 12.58 37.42
C VAL B 115 4.19 12.01 38.75
N SER B 116 5.52 11.86 38.85
CA SER B 116 6.11 11.40 40.08
C SER B 116 5.86 12.32 41.30
N PRO B 117 5.68 13.66 41.09
CA PRO B 117 5.29 14.49 42.24
C PRO B 117 3.97 14.07 42.97
N TYR B 118 3.08 13.43 42.22
CA TYR B 118 1.87 12.82 42.75
C TYR B 118 2.08 11.40 43.30
N GLY B 119 3.31 10.92 43.30
CA GLY B 119 3.63 9.55 43.77
C GLY B 119 3.22 8.48 42.77
N LEU B 120 3.14 8.84 41.48
CA LEU B 120 2.72 7.92 40.46
C LEU B 120 3.90 7.57 39.57
N ASN B 121 3.85 6.37 38.99
CA ASN B 121 4.76 6.00 37.94
C ASN B 121 4.20 6.53 36.61
N THR B 122 5.00 7.36 35.92
CA THR B 122 4.54 8.03 34.72
C THR B 122 4.12 7.11 33.59
N GLN B 123 4.93 6.08 33.34
CA GLN B 123 4.63 5.08 32.32
C GLN B 123 3.30 4.38 32.59
N ASN B 124 3.12 3.96 33.83
CA ASN B 124 1.88 3.32 34.20
C ASN B 124 0.67 4.26 34.05
N PHE B 125 0.85 5.50 34.49
CA PHE B 125 -0.16 6.53 34.35
C PHE B 125 -0.60 6.74 32.86
N LEU B 126 0.36 6.81 31.98
CA LEU B 126 0.07 6.99 30.56
C LEU B 126 -0.61 5.74 29.97
N LYS B 127 -0.10 4.56 30.30
CA LYS B 127 -0.74 3.32 29.92
C LYS B 127 -2.21 3.30 30.37
N THR B 128 -2.47 3.65 31.61
CA THR B 128 -3.82 3.67 32.18
C THR B 128 -4.74 4.72 31.51
N CYS B 129 -4.19 5.85 31.09
CA CYS B 129 -4.90 6.84 30.24
C CYS B 129 -5.42 6.24 28.93
N ASN B 130 -4.60 5.41 28.29
CA ASN B 130 -5.00 4.69 27.10
C ASN B 130 -6.07 3.64 27.35
N GLU B 131 -5.95 2.88 28.44
CA GLU B 131 -6.98 1.93 28.87
C GLU B 131 -8.31 2.59 29.17
N GLU B 132 -8.24 3.75 29.84
CA GLU B 132 -9.43 4.57 30.10
C GLU B 132 -10.10 5.03 28.81
N ALA B 133 -9.32 5.61 27.89
CA ALA B 133 -9.82 6.04 26.57
C ALA B 133 -10.49 4.90 25.80
N THR B 134 -9.83 3.74 25.83
CA THR B 134 -10.31 2.52 25.22
C THR B 134 -11.57 2.03 25.89
N PHE B 135 -11.63 2.09 27.22
CA PHE B 135 -12.83 1.69 27.94
C PHE B 135 -14.04 2.51 27.55
N ILE B 136 -13.86 3.82 27.51
CA ILE B 136 -14.98 4.75 27.22
C ILE B 136 -15.65 4.41 25.86
N ALA B 137 -14.83 4.17 24.85
CA ALA B 137 -15.28 3.81 23.52
C ALA B 137 -15.86 2.39 23.48
N ASN B 138 -15.27 1.44 24.18
CA ASN B 138 -15.86 0.10 24.31
C ASN B 138 -17.24 0.17 24.99
N TRP B 139 -17.30 0.90 26.11
CA TRP B 139 -18.53 1.10 26.89
C TRP B 139 -19.67 1.69 26.06
N LEU B 140 -19.39 2.82 25.39
CA LEU B 140 -20.47 3.67 24.88
C LEU B 140 -20.58 3.82 23.36
N ASN B 141 -19.66 3.28 22.58
CA ASN B 141 -19.69 3.55 21.15
C ASN B 141 -20.98 3.01 20.48
N ASP B 142 -21.58 1.93 20.98
CA ASP B 142 -22.90 1.48 20.52
C ASP B 142 -24.03 2.21 21.25
N GLU B 143 -24.00 2.17 22.58
CA GLU B 143 -25.05 2.72 23.42
C GLU B 143 -25.35 4.18 23.13
N ASP B 144 -24.30 5.00 23.10
CA ASP B 144 -24.40 6.45 22.90
C ASP B 144 -23.09 7.00 22.28
N LYS B 145 -23.00 6.89 20.96
CA LYS B 145 -21.79 7.22 20.21
C LYS B 145 -21.36 8.68 20.35
N LYS B 146 -22.35 9.57 20.37
CA LYS B 146 -22.07 10.99 20.53
C LYS B 146 -21.46 11.26 21.90
N LEU B 147 -21.98 10.61 22.94
CA LEU B 147 -21.38 10.73 24.28
C LEU B 147 -19.96 10.16 24.33
N SER B 148 -19.73 8.99 23.72
CA SER B 148 -18.37 8.43 23.74
C SER B 148 -17.33 9.44 23.16
N HIS B 149 -17.66 10.03 22.00
CA HIS B 149 -16.79 11.02 21.36
C HIS B 149 -16.54 12.26 22.22
N LEU B 150 -17.54 12.68 22.97
CA LEU B 150 -17.39 13.77 23.90
C LEU B 150 -16.56 13.41 25.13
N LEU B 151 -16.78 12.21 25.62
CA LEU B 151 -16.29 11.81 26.94
C LEU B 151 -14.79 11.49 26.97
N VAL B 152 -14.29 10.87 25.92
CA VAL B 152 -12.87 10.57 25.87
C VAL B 152 -12.03 11.86 26.13
N PRO B 153 -12.21 12.90 25.28
CA PRO B 153 -11.53 14.17 25.56
C PRO B 153 -11.77 14.73 26.97
N CYS B 154 -12.98 14.56 27.50
CA CYS B 154 -13.25 15.00 28.88
C CYS B 154 -12.33 14.28 29.90
N ALA B 155 -12.23 12.97 29.76
CA ALA B 155 -11.44 12.18 30.68
C ALA B 155 -9.95 12.47 30.53
N LEU B 157 -8.62 15.26 29.40
CA LEU B 157 -8.37 16.59 29.89
C LEU B 157 -8.38 16.62 31.42
N LEU B 158 -9.26 15.82 32.01
CA LEU B 158 -9.21 15.62 33.45
C LEU B 158 -7.83 15.12 33.85
N ARG B 159 -7.28 14.12 33.14
CA ARG B 159 -5.97 13.58 33.49
C ARG B 159 -4.83 14.60 33.29
N LEU B 160 -5.00 15.45 32.30
CA LEU B 160 -4.02 16.49 32.02
C LEU B 160 -3.78 17.38 33.24
N GLY B 161 -4.78 17.48 34.13
CA GLY B 161 -4.67 18.36 35.29
C GLY B 161 -3.38 18.11 36.10
N ILE B 162 -3.18 16.85 36.51
CA ILE B 162 -2.00 16.55 37.33
C ILE B 162 -0.71 16.54 36.49
N VAL B 163 -0.82 16.35 35.18
CA VAL B 163 0.38 16.48 34.31
C VAL B 163 0.88 17.95 34.30
N ILE B 164 -0.05 18.89 34.16
CA ILE B 164 0.26 20.31 34.19
C ILE B 164 0.82 20.74 35.57
N PHE B 165 0.12 20.31 36.63
CA PHE B 165 0.53 20.63 37.97
C PHE B 165 1.89 20.02 38.25
N SER B 166 2.11 18.77 37.85
CA SER B 166 3.40 18.11 38.08
C SER B 166 4.54 18.89 37.45
N ASN B 167 4.40 19.23 36.17
CA ASN B 167 5.42 20.02 35.51
C ASN B 167 5.70 21.32 36.26
N PHE B 168 4.62 22.00 36.67
CA PHE B 168 4.74 23.31 37.32
C PHE B 168 5.48 23.20 38.65
N LEU B 169 5.16 22.13 39.39
CA LEU B 169 5.84 21.82 40.65
C LEU B 169 7.32 21.54 40.42
N ILE B 170 7.64 20.80 39.35
CA ILE B 170 9.03 20.45 39.05
C ILE B 170 9.79 21.68 38.64
N GLN B 171 9.22 22.49 37.74
CA GLN B 171 9.89 23.72 37.23
C GLN B 171 10.19 24.69 38.36
N ASN B 172 9.36 24.66 39.40
CA ASN B 172 9.47 25.58 40.53
C ASN B 172 10.07 24.90 41.77
N HIS B 173 10.64 23.70 41.60
CA HIS B 173 11.39 23.01 42.66
C HIS B 173 10.58 22.79 43.93
N LYS B 174 9.30 22.49 43.77
CA LYS B 174 8.42 22.20 44.91
C LYS B 174 7.90 20.77 44.93
N ASP B 175 8.36 19.96 43.96
CA ASP B 175 7.78 18.63 43.72
C ASP B 175 8.06 17.66 44.88
N LYS B 176 9.26 17.75 45.44
CA LYS B 176 9.63 16.90 46.56
C LYS B 176 8.82 17.24 47.83
N ASP B 177 8.66 18.54 48.10
CA ASP B 177 7.86 19.00 49.22
C ASP B 177 6.40 18.64 49.03
N PHE B 178 5.91 18.76 47.80
CA PHE B 178 4.54 18.43 47.47
C PHE B 178 4.27 16.94 47.71
N LEU B 179 5.15 16.07 47.21
CA LEU B 179 4.99 14.61 47.42
C LEU B 179 4.99 14.26 48.91
N ALA B 180 5.95 14.81 49.61
CA ALA B 180 6.05 14.57 51.06
C ALA B 180 4.72 14.93 51.74
N PHE B 181 4.23 16.14 51.47
CA PHE B 181 2.95 16.63 52.01
C PHE B 181 1.75 15.76 51.55
N LEU B 182 1.76 15.32 50.29
CA LEU B 182 0.71 14.42 49.78
C LEU B 182 0.72 13.07 50.51
N ASN B 183 1.88 12.63 50.97
CA ASN B 183 1.97 11.42 51.80
C ASN B 183 1.53 11.65 53.23
N LYS B 184 1.92 12.78 53.79
CA LYS B 184 1.47 13.17 55.13
C LYS B 184 -0.06 13.14 55.18
N ASN B 185 -0.70 13.97 54.33
CA ASN B 185 -2.12 14.29 54.47
C ASN B 185 -3.09 13.48 53.60
N GLU B 186 -2.58 12.93 52.49
CA GLU B 186 -3.36 12.00 51.65
C GLU B 186 -4.65 12.64 51.09
N ASN B 187 -4.50 13.75 50.41
CA ASN B 187 -5.62 14.57 49.94
C ASN B 187 -5.11 15.48 48.81
N LEU B 188 -5.38 15.08 47.55
CA LEU B 188 -4.84 15.78 46.39
C LEU B 188 -5.16 17.26 46.45
N ALA B 189 -6.46 17.57 46.56
CA ALA B 189 -6.95 18.93 46.49
C ALA B 189 -6.36 19.80 47.57
N LEU B 190 -6.15 19.21 48.74
CA LEU B 190 -5.56 19.92 49.86
C LEU B 190 -4.08 20.22 49.61
N ALA B 191 -3.37 19.24 49.06
CA ALA B 191 -1.97 19.42 48.68
C ALA B 191 -1.84 20.50 47.60
N GLU B 192 -2.70 20.44 46.59
CA GLU B 192 -2.70 21.43 45.52
C GLU B 192 -2.99 22.84 46.06
N ASN B 193 -4.01 22.96 46.91
CA ASN B 193 -4.30 24.25 47.50
C ASN B 193 -3.18 24.76 48.38
N GLU B 194 -2.47 23.84 49.04
CA GLU B 194 -1.32 24.19 49.88
C GLU B 194 -0.18 24.80 49.04
N PHE B 195 0.12 24.17 47.91
CA PHE B 195 1.31 24.55 47.11
C PHE B 195 1.05 25.49 45.95
N LEU B 196 -0.13 25.37 45.36
CA LEU B 196 -0.48 26.21 44.22
C LEU B 196 -1.58 27.23 44.55
N GLY B 197 -2.35 27.01 45.61
CA GLY B 197 -3.51 27.85 45.87
C GLY B 197 -4.74 27.58 45.02
N VAL B 198 -4.72 26.50 44.25
CA VAL B 198 -5.88 26.14 43.44
C VAL B 198 -5.78 24.64 43.17
N ASP B 199 -6.92 23.98 42.99
CA ASP B 199 -7.00 22.56 42.67
C ASP B 199 -7.06 22.43 41.15
N HIS B 200 -6.67 21.24 40.64
CA HIS B 200 -6.47 21.09 39.22
C HIS B 200 -7.77 21.13 38.42
N ILE B 201 -8.90 20.74 39.01
CA ILE B 201 -10.19 20.80 38.33
C ILE B 201 -10.63 22.26 38.11
N SER B 202 -10.50 23.09 39.14
CA SER B 202 -10.76 24.52 39.00
C SER B 202 -9.84 25.18 37.98
N PHE B 203 -8.57 24.82 37.99
CA PHE B 203 -7.64 25.41 37.01
C PHE B 203 -8.02 24.93 35.59
N LEU B 204 -8.44 23.68 35.46
CA LEU B 204 -8.88 23.18 34.17
C LEU B 204 -10.05 24.05 33.65
N GLY B 205 -11.02 24.34 34.51
CA GLY B 205 -12.15 25.21 34.17
C GLY B 205 -11.72 26.57 33.65
N PHE B 206 -10.77 27.18 34.37
CA PHE B 206 -10.15 28.44 33.93
C PHE B 206 -9.43 28.28 32.59
N LEU B 207 -8.56 27.30 32.51
CA LEU B 207 -7.75 27.07 31.32
C LEU B 207 -8.60 26.85 30.06
N LEU B 208 -9.57 25.95 30.14
CA LEU B 208 -10.35 25.57 29.00
C LEU B 208 -11.31 26.66 28.53
N HIS B 209 -11.87 27.41 29.47
CA HIS B 209 -12.65 28.62 29.12
C HIS B 209 -11.76 29.62 28.33
N ARG B 210 -10.58 29.89 28.86
CA ARG B 210 -9.61 30.76 28.23
C ARG B 210 -9.22 30.30 26.84
N TRP B 211 -9.19 28.97 26.64
CA TRP B 211 -8.83 28.39 25.35
C TRP B 211 -10.00 28.11 24.43
N ASN B 212 -11.16 28.67 24.77
CA ASN B 212 -12.37 28.65 23.95
C ASN B 212 -12.96 27.25 23.74
N PHE B 213 -12.91 26.41 24.76
CA PHE B 213 -13.49 25.07 24.65
C PHE B 213 -15.00 25.23 24.82
N ASP B 214 -15.77 24.24 24.37
CA ASP B 214 -17.22 24.22 24.55
C ASP B 214 -17.60 24.10 26.04
N ASP B 215 -18.67 24.77 26.40
CA ASP B 215 -19.20 24.84 27.77
C ASP B 215 -19.68 23.52 28.36
N VAL B 216 -20.24 22.65 27.54
CA VAL B 216 -20.72 21.35 28.02
C VAL B 216 -19.52 20.49 28.51
N LEU B 217 -18.49 20.42 27.69
CA LEU B 217 -17.24 19.73 28.03
C LEU B 217 -16.62 20.31 29.30
N ILE B 218 -16.46 21.63 29.30
CA ILE B 218 -15.84 22.25 30.46
C ILE B 218 -16.63 21.91 31.74
N GLU B 219 -17.94 22.10 31.73
CA GLU B 219 -18.79 21.87 32.90
C GLU B 219 -18.88 20.38 33.31
N SER B 220 -18.75 19.47 32.36
CA SER B 220 -18.71 18.05 32.72
C SER B 220 -17.52 17.80 33.65
N ILE B 221 -16.40 18.41 33.31
CA ILE B 221 -15.19 18.28 34.10
C ILE B 221 -15.36 18.99 35.44
N CYS B 222 -15.92 20.18 35.44
CA CYS B 222 -16.07 20.92 36.70
C CYS B 222 -17.05 20.31 37.71
N PHE B 223 -18.07 19.64 37.17
CA PHE B 223 -19.07 19.00 38.01
C PHE B 223 -18.81 17.51 38.24
N VAL B 224 -17.61 17.05 37.92
CA VAL B 224 -17.31 15.64 38.03
C VAL B 224 -17.56 15.12 39.47
N ARG B 225 -17.31 15.93 40.48
CA ARG B 225 -17.57 15.51 41.86
C ARG B 225 -19.03 15.57 42.23
N THR B 226 -19.81 16.37 41.51
CA THR B 226 -21.21 16.61 41.85
C THR B 226 -22.08 16.62 40.58
N PRO B 227 -22.11 15.48 39.88
CA PRO B 227 -22.85 15.38 38.64
C PRO B 227 -24.35 15.68 38.77
N HIS B 228 -24.94 15.34 39.93
CA HIS B 228 -26.34 15.68 40.22
C HIS B 228 -26.62 17.19 40.20
N ALA B 229 -25.61 18.01 40.50
CA ALA B 229 -25.79 19.49 40.53
C ALA B 229 -25.57 20.20 39.16
N ALA B 230 -25.15 19.46 38.13
CA ALA B 230 -24.89 20.06 36.79
C ALA B 230 -26.20 20.50 36.10
N ARG B 231 -26.11 21.43 35.15
CA ARG B 231 -27.25 21.80 34.32
C ARG B 231 -27.73 20.54 33.64
N GLU B 232 -29.01 20.53 33.27
CA GLU B 232 -29.63 19.36 32.64
C GLU B 232 -28.86 18.82 31.45
N LYS B 233 -28.36 19.71 30.59
CA LYS B 233 -27.67 19.30 29.34
C LYS B 233 -26.27 18.73 29.59
N VAL B 234 -25.74 18.97 30.78
CA VAL B 234 -24.40 18.59 31.15
C VAL B 234 -24.43 17.24 31.92
N LYS B 235 -25.55 16.96 32.60
CA LYS B 235 -25.62 15.87 33.59
C LYS B 235 -25.19 14.49 33.08
N LYS B 236 -25.61 14.15 31.86
CA LYS B 236 -25.28 12.84 31.30
C LYS B 236 -23.78 12.65 31.22
N SER B 237 -23.09 13.65 30.70
CA SER B 237 -21.62 13.59 30.52
C SER B 237 -20.88 13.73 31.84
N ALA B 238 -21.39 14.57 32.74
CA ALA B 238 -20.83 14.65 34.12
C ALA B 238 -20.93 13.31 34.83
N TYR B 239 -22.11 12.67 34.77
CA TYR B 239 -22.27 11.33 35.37
C TYR B 239 -21.31 10.31 34.74
N ALA B 240 -21.25 10.28 33.42
CA ALA B 240 -20.41 9.29 32.72
C ALA B 240 -18.93 9.50 32.98
N LEU B 241 -18.54 10.76 33.10
CA LEU B 241 -17.19 11.10 33.47
C LEU B 241 -16.88 10.60 34.90
N ALA B 242 -17.80 10.86 35.84
CA ALA B 242 -17.58 10.46 37.23
C ALA B 242 -17.50 8.95 37.36
N ILE B 243 -18.36 8.25 36.62
CA ILE B 243 -18.36 6.80 36.58
C ILE B 243 -16.99 6.30 36.11
N THR B 244 -16.50 6.87 35.02
CA THR B 244 -15.21 6.51 34.47
C THR B 244 -14.05 6.80 35.44
N ASP B 245 -14.12 7.95 36.07
CA ASP B 245 -13.10 8.37 36.99
C ASP B 245 -13.02 7.48 38.21
N HIS B 246 -14.15 7.01 38.72
CA HIS B 246 -14.12 6.04 39.84
C HIS B 246 -13.40 4.74 39.42
N LEU B 247 -13.53 4.41 38.13
CA LEU B 247 -12.91 3.23 37.58
C LEU B 247 -11.44 3.42 37.22
N PHE B 248 -11.06 4.64 36.81
CA PHE B 248 -9.70 4.85 36.26
C PHE B 248 -8.82 5.88 36.95
N ALA B 249 -9.31 6.54 38.00
CA ALA B 249 -8.46 7.52 38.70
C ALA B 249 -7.13 6.87 39.14
N PRO B 250 -6.01 7.57 38.89
CA PRO B 250 -4.67 7.01 39.11
C PRO B 250 -4.41 6.44 40.49
N HIS B 251 -4.85 7.10 41.53
CA HIS B 251 -4.49 6.68 42.88
C HIS B 251 -5.34 5.48 43.40
N ASP B 252 -6.66 5.48 43.12
CA ASP B 252 -7.58 4.51 43.72
C ASP B 252 -8.66 3.93 42.76
N GLY B 253 -8.47 4.13 41.45
CA GLY B 253 -9.42 3.67 40.47
C GLY B 253 -9.75 2.19 40.62
N SER B 254 -11.06 1.88 40.63
CA SER B 254 -11.56 0.51 40.70
C SER B 254 -11.25 -0.24 41.99
N SER B 255 -10.93 0.50 43.05
CA SER B 255 -10.95 -0.07 44.41
C SER B 255 -12.35 -0.61 44.71
N PRO B 256 -12.49 -1.42 45.78
CA PRO B 256 -13.84 -1.87 46.11
C PRO B 256 -14.82 -0.72 46.33
N PHE B 257 -14.42 0.30 47.09
CA PHE B 257 -15.22 1.50 47.23
C PHE B 257 -15.58 2.13 45.86
N ASN B 258 -14.59 2.31 45.02
CA ASN B 258 -14.77 3.08 43.78
C ASN B 258 -15.52 2.33 42.68
N ALA B 259 -15.32 1.03 42.63
CA ALA B 259 -16.08 0.19 41.72
C ALA B 259 -17.57 0.20 42.10
N LYS B 260 -17.86 0.09 43.41
CA LYS B 260 -19.24 0.17 43.87
C LYS B 260 -19.83 1.57 43.59
N ALA B 261 -19.04 2.62 43.85
CA ALA B 261 -19.49 3.99 43.66
C ALA B 261 -19.89 4.21 42.20
N ALA B 262 -19.12 3.65 41.28
CA ALA B 262 -19.40 3.78 39.85
C ALA B 262 -20.75 3.16 39.47
N VAL B 263 -21.05 1.97 39.99
CA VAL B 263 -22.34 1.33 39.75
C VAL B 263 -23.49 2.08 40.40
N ALA B 264 -23.28 2.62 41.60
CA ALA B 264 -24.30 3.44 42.27
C ALA B 264 -24.64 4.70 41.46
N LEU B 265 -23.61 5.36 40.91
CA LEU B 265 -23.82 6.60 40.15
C LEU B 265 -24.65 6.36 38.88
N LEU B 266 -24.42 5.23 38.24
CA LEU B 266 -25.22 4.83 37.08
C LEU B 266 -26.71 4.68 37.44
N LYS B 267 -26.99 4.20 38.66
CA LYS B 267 -28.36 4.04 39.11
C LYS B 267 -28.95 5.36 39.56
N GLU B 268 -28.13 6.18 40.20
CA GLU B 268 -28.56 7.53 40.47
C GLU B 268 -28.97 8.16 39.12
N ALA B 269 -28.15 7.97 38.10
CA ALA B 269 -28.36 8.61 36.81
C ALA B 269 -29.61 8.10 36.10
N LYS B 270 -29.92 6.82 36.28
CA LYS B 270 -31.12 6.22 35.68
C LYS B 270 -32.40 6.82 36.26
N THR B 271 -32.36 7.24 37.53
CA THR B 271 -33.49 7.96 38.16
C THR B 271 -33.76 9.36 37.59
N GLN B 272 -32.77 9.97 36.95
CA GLN B 272 -32.97 11.28 36.32
C GLN B 272 -33.15 11.16 34.78
N GLY B 273 -33.84 10.09 34.37
CA GLY B 273 -34.16 9.84 32.97
C GLY B 273 -32.97 9.54 32.07
N ILE B 274 -31.78 9.39 32.67
CA ILE B 274 -30.56 9.17 31.90
C ILE B 274 -30.32 7.67 31.83
N ASN B 275 -30.81 7.05 30.77
CA ASN B 275 -30.96 5.60 30.75
C ASN B 275 -29.68 4.88 30.32
N PHE B 276 -28.72 4.82 31.24
CA PHE B 276 -27.55 3.98 31.08
C PHE B 276 -27.95 2.49 31.17
N ASP B 277 -27.56 1.72 30.16
CA ASP B 277 -27.69 0.27 30.22
C ASP B 277 -26.72 -0.36 31.25
N LEU B 278 -27.26 -0.78 32.41
CA LEU B 278 -26.46 -1.38 33.48
C LEU B 278 -25.66 -2.56 32.95
N ASN B 279 -26.28 -3.35 32.10
CA ASN B 279 -25.67 -4.58 31.60
C ASN B 279 -24.41 -4.24 30.79
N ASN B 280 -24.56 -3.38 29.79
CA ASN B 280 -23.43 -2.91 28.98
C ASN B 280 -22.22 -2.49 29.82
N LEU B 281 -22.47 -1.76 30.91
CA LEU B 281 -21.36 -1.29 31.75
C LEU B 281 -20.66 -2.44 32.48
N LEU B 282 -21.44 -3.28 33.13
CA LEU B 282 -20.89 -4.46 33.82
C LEU B 282 -20.05 -5.34 32.89
N SER B 283 -20.55 -5.52 31.69
CA SER B 283 -19.91 -6.34 30.69
C SER B 283 -18.56 -5.80 30.26
N LYS B 284 -18.39 -4.48 30.31
CA LYS B 284 -17.16 -3.88 29.77
C LYS B 284 -16.22 -3.35 30.84
N LEU B 285 -16.60 -3.56 32.11
CA LEU B 285 -15.76 -3.15 33.22
C LEU B 285 -14.43 -3.87 33.07
N PRO B 286 -13.34 -3.18 33.44
CA PRO B 286 -12.04 -3.87 33.50
C PRO B 286 -12.04 -4.92 34.62
N ASN B 287 -11.26 -5.98 34.40
CA ASN B 287 -11.03 -7.08 35.35
C ASN B 287 -10.94 -6.69 36.82
N LYS B 288 -10.15 -5.67 37.16
CA LYS B 288 -10.04 -5.22 38.55
C LYS B 288 -11.38 -4.75 39.15
N ALA B 289 -12.13 -3.95 38.39
CA ALA B 289 -13.45 -3.50 38.82
C ALA B 289 -14.35 -4.71 38.99
N LYS B 290 -14.44 -5.51 37.93
CA LYS B 290 -15.28 -6.73 37.94
C LYS B 290 -15.06 -7.53 39.23
N GLU B 291 -13.79 -7.72 39.57
CA GLU B 291 -13.41 -8.56 40.70
C GLU B 291 -13.62 -7.85 42.06
N ASN B 292 -13.39 -6.55 42.10
CA ASN B 292 -13.62 -5.76 43.33
C ASN B 292 -15.08 -5.49 43.64
N LEU B 293 -15.96 -5.88 42.71
CA LEU B 293 -17.37 -5.60 42.79
C LEU B 293 -18.02 -6.67 43.65
N ILE C 14 29.54 21.54 -14.93
CA ILE C 14 28.95 20.92 -13.75
C ILE C 14 28.00 19.87 -14.26
N GLY C 15 28.09 18.66 -13.69
CA GLY C 15 27.17 17.54 -14.03
C GLY C 15 27.61 16.54 -15.11
N ASP C 16 28.66 16.84 -15.86
CA ASP C 16 29.11 15.97 -16.96
C ASP C 16 29.79 14.73 -16.42
N ASN C 18 28.84 13.17 -13.77
CA ASN C 18 27.76 12.26 -13.44
C ASN C 18 27.41 11.32 -14.58
N GLU C 19 27.37 11.86 -15.80
CA GLU C 19 26.97 11.08 -16.95
C GLU C 19 28.08 10.15 -17.37
N LEU C 20 29.32 10.60 -17.27
CA LEU C 20 30.48 9.72 -17.57
C LEU C 20 30.58 8.52 -16.62
N LEU C 21 30.43 8.79 -15.34
CA LEU C 21 30.36 7.75 -14.35
C LEU C 21 29.17 6.79 -14.55
N LEU C 22 28.02 7.34 -14.91
CA LEU C 22 26.83 6.58 -15.28
C LEU C 22 27.16 5.60 -16.38
N LYS C 23 27.70 6.06 -17.50
CA LYS C 23 28.17 5.21 -18.58
C LYS C 23 29.10 4.10 -18.13
N SER C 24 30.01 4.44 -17.21
CA SER C 24 31.02 3.49 -16.72
C SER C 24 30.40 2.30 -15.98
N VAL C 25 29.14 2.41 -15.57
CA VAL C 25 28.49 1.32 -14.81
C VAL C 25 27.27 0.73 -15.54
N GLU C 26 27.24 0.93 -16.86
CA GLU C 26 26.23 0.33 -17.72
C GLU C 26 26.27 -1.19 -17.61
N VAL C 27 27.48 -1.74 -17.53
CA VAL C 27 27.71 -3.17 -17.31
C VAL C 27 28.49 -3.32 -16.00
N LEU C 28 27.89 -3.93 -15.00
CA LEU C 28 28.60 -4.24 -13.76
C LEU C 28 28.74 -5.75 -13.58
N PRO C 29 29.97 -6.25 -13.41
CA PRO C 29 30.14 -7.68 -13.17
C PRO C 29 29.76 -8.06 -11.74
N PRO C 30 29.45 -9.35 -11.50
CA PRO C 30 29.27 -9.80 -10.14
C PRO C 30 30.64 -9.99 -9.48
N LEU C 31 30.68 -10.09 -8.14
CA LEU C 31 31.92 -10.48 -7.48
C LEU C 31 32.24 -11.91 -7.90
N PRO C 32 33.52 -12.18 -8.21
CA PRO C 32 33.93 -13.56 -8.47
C PRO C 32 33.43 -14.55 -7.41
N ASP C 33 33.39 -14.13 -6.14
CA ASP C 33 32.91 -14.98 -5.06
C ASP C 33 31.44 -15.33 -5.14
N THR C 34 30.64 -14.36 -5.57
CA THR C 34 29.22 -14.58 -5.78
C THR C 34 29.04 -15.62 -6.88
N VAL C 35 29.79 -15.46 -7.97
CA VAL C 35 29.77 -16.44 -9.07
C VAL C 35 30.12 -17.84 -8.58
N SER C 36 31.17 -17.97 -7.77
CA SER C 36 31.59 -19.28 -7.24
C SER C 36 30.57 -19.87 -6.29
N LYS C 37 30.05 -19.07 -5.38
CA LYS C 37 29.09 -19.55 -4.40
C LYS C 37 27.81 -19.98 -5.08
N LEU C 38 27.36 -19.19 -6.06
CA LEU C 38 26.08 -19.50 -6.71
C LEU C 38 26.20 -20.75 -7.56
N ARG C 39 27.32 -20.84 -8.28
CA ARG C 39 27.58 -21.97 -9.12
C ARG C 39 27.63 -23.26 -8.32
N LYS C 40 28.26 -23.23 -7.14
CA LYS C 40 28.31 -24.39 -6.26
C LYS C 40 26.92 -24.76 -5.76
N TYR C 41 26.20 -23.78 -5.23
CA TYR C 41 24.87 -24.01 -4.71
C TYR C 41 23.94 -24.68 -5.76
N VAL C 42 23.97 -24.17 -7.00
CA VAL C 42 23.09 -24.64 -8.08
C VAL C 42 23.51 -26.02 -8.61
N SER C 43 24.82 -26.21 -8.74
CA SER C 43 25.44 -27.41 -9.30
C SER C 43 25.27 -28.62 -8.39
N GLU C 44 25.37 -28.38 -7.10
CA GLU C 44 25.35 -29.46 -6.11
C GLU C 44 23.96 -29.77 -5.57
N ALA C 45 22.99 -28.89 -5.83
CA ALA C 45 21.63 -29.09 -5.33
C ALA C 45 21.06 -30.38 -5.86
N ASN C 46 20.62 -31.23 -4.95
CA ASN C 46 19.85 -32.42 -5.28
C ASN C 46 18.41 -32.26 -4.79
N SER C 47 18.08 -31.01 -4.48
CA SER C 47 16.76 -30.59 -4.09
C SER C 47 16.47 -29.30 -4.85
N ASN C 48 15.24 -28.82 -4.75
CA ASN C 48 14.89 -27.61 -5.43
C ASN C 48 15.44 -26.40 -4.67
N ILE C 49 15.88 -25.44 -5.46
CA ILE C 49 16.55 -24.23 -4.99
C ILE C 49 15.62 -23.46 -4.07
N GLU C 50 16.22 -22.82 -3.07
CA GLU C 50 15.48 -21.99 -2.13
C GLU C 50 16.03 -20.59 -2.17
N THR C 51 15.09 -19.65 -2.14
CA THR C 51 15.32 -18.23 -2.32
C THR C 51 16.24 -17.61 -1.26
N LYS C 53 18.79 -18.97 0.38
CA LYS C 53 20.18 -19.28 0.11
C LYS C 53 20.72 -18.40 -1.01
N VAL C 54 19.90 -18.14 -2.03
CA VAL C 54 20.27 -17.20 -3.08
C VAL C 54 20.40 -15.76 -2.54
N ALA C 55 19.46 -15.35 -1.68
CA ALA C 55 19.44 -14.01 -1.11
C ALA C 55 20.70 -13.77 -0.28
N GLU C 56 21.08 -14.79 0.49
CA GLU C 56 22.26 -14.73 1.34
C GLU C 56 23.49 -14.44 0.49
N ILE C 57 23.62 -15.14 -0.62
CA ILE C 57 24.72 -14.89 -1.54
C ILE C 57 24.70 -13.51 -2.20
N ILE C 58 23.55 -13.05 -2.68
CA ILE C 58 23.45 -11.76 -3.36
C ILE C 58 23.62 -10.56 -2.43
N SER C 59 23.12 -10.68 -1.22
CA SER C 59 23.00 -9.57 -0.27
C SER C 59 24.31 -8.90 0.13
N SER C 60 25.39 -9.68 0.09
CA SER C 60 26.74 -9.17 0.37
C SER C 60 27.47 -8.70 -0.88
N ASP C 61 26.82 -8.66 -2.03
CA ASP C 61 27.44 -8.24 -3.30
C ASP C 61 26.88 -6.87 -3.68
N PRO C 62 27.66 -5.80 -3.50
CA PRO C 62 27.22 -4.45 -3.83
C PRO C 62 26.89 -4.25 -5.31
N LEU C 63 27.61 -4.97 -6.18
CA LEU C 63 27.43 -4.82 -7.64
C LEU C 63 26.16 -5.51 -8.09
N THR C 65 23.61 -6.31 -6.05
CA THR C 65 22.55 -5.52 -5.40
C THR C 65 22.07 -4.39 -6.27
N ALA C 66 23.02 -3.67 -6.84
CA ALA C 66 22.68 -2.55 -7.71
C ALA C 66 22.04 -2.99 -8.99
N LYS C 67 22.66 -3.95 -9.66
CA LYS C 67 22.16 -4.37 -10.96
C LYS C 67 20.81 -5.04 -10.88
N LEU C 68 20.63 -5.84 -9.82
CA LEU C 68 19.40 -6.60 -9.70
C LEU C 68 18.25 -5.73 -9.26
N LEU C 69 18.55 -4.72 -8.43
CA LEU C 69 17.53 -3.72 -8.05
C LEU C 69 17.18 -2.81 -9.20
N GLN C 70 18.16 -2.55 -10.06
CA GLN C 70 17.92 -1.78 -11.29
C GLN C 70 16.97 -2.52 -12.19
N LEU C 71 17.29 -3.77 -12.51
CA LEU C 71 16.42 -4.55 -13.37
C LEU C 71 15.02 -4.63 -12.78
N ALA C 72 14.95 -4.87 -11.48
CA ALA C 72 13.68 -5.09 -10.83
C ALA C 72 12.81 -3.85 -10.80
N ASN C 73 13.42 -2.68 -10.80
CA ASN C 73 12.69 -1.41 -10.83
C ASN C 73 12.50 -0.86 -12.24
N SER C 74 12.80 -1.68 -13.25
CA SER C 74 12.60 -1.28 -14.62
C SER C 74 11.11 -1.33 -15.02
N PRO C 75 10.74 -0.44 -15.95
CA PRO C 75 9.38 -0.42 -16.47
C PRO C 75 8.90 -1.75 -17.06
N TYR C 76 9.81 -2.58 -17.54
CA TYR C 76 9.49 -3.93 -18.02
C TYR C 76 8.57 -4.71 -17.07
N TYR C 77 8.73 -4.53 -15.76
CA TYR C 77 7.97 -5.26 -14.75
C TYR C 77 6.85 -4.47 -14.12
N GLY C 78 6.81 -3.17 -14.37
CA GLY C 78 5.70 -2.36 -13.83
C GLY C 78 5.62 -2.22 -12.29
N PHE C 79 6.77 -2.29 -11.61
CA PHE C 79 6.86 -1.93 -10.18
C PHE C 79 7.98 -0.92 -10.00
N THR C 80 8.11 -0.03 -10.98
CA THR C 80 9.16 1.00 -10.99
C THR C 80 9.17 1.83 -9.70
N ARG C 81 10.34 1.91 -9.08
CA ARG C 81 10.58 2.64 -7.81
C ARG C 81 9.90 2.02 -6.61
N GLU C 82 9.42 0.78 -6.72
CA GLU C 82 8.74 0.11 -5.60
C GLU C 82 9.55 -1.03 -5.02
N ILE C 83 10.61 -1.47 -5.69
CA ILE C 83 11.37 -2.63 -5.22
C ILE C 83 12.63 -2.15 -4.47
N THR C 84 12.73 -2.51 -3.19
CA THR C 84 13.80 -2.07 -2.29
C THR C 84 14.57 -3.18 -1.58
N THR C 85 14.09 -4.43 -1.61
CA THR C 85 14.74 -5.50 -0.86
C THR C 85 15.13 -6.65 -1.75
N ILE C 86 16.12 -7.40 -1.32
CA ILE C 86 16.60 -8.56 -2.09
C ILE C 86 15.54 -9.65 -2.20
N ASN C 87 14.77 -9.86 -1.13
CA ASN C 87 13.66 -10.79 -1.18
C ASN C 87 12.64 -10.39 -2.24
N GLN C 88 12.30 -9.10 -2.30
CA GLN C 88 11.42 -8.57 -3.35
C GLN C 88 12.01 -8.80 -4.74
N VAL C 89 13.31 -8.58 -4.87
CA VAL C 89 14.04 -8.79 -6.12
C VAL C 89 13.91 -10.21 -6.59
N ILE C 90 14.12 -11.15 -5.68
CA ILE C 90 14.04 -12.55 -6.02
C ILE C 90 12.60 -12.92 -6.37
N THR C 91 11.64 -12.47 -5.58
CA THR C 91 10.22 -12.68 -5.84
C THR C 91 9.82 -12.17 -7.25
N LEU C 92 10.31 -11.01 -7.65
CA LEU C 92 9.93 -10.42 -8.92
C LEU C 92 10.69 -11.00 -10.10
N LEU C 93 12.01 -11.03 -9.98
CA LEU C 93 12.86 -11.49 -11.07
C LEU C 93 12.93 -12.99 -11.23
N GLY C 94 12.77 -13.71 -10.12
CA GLY C 94 12.97 -15.17 -10.09
C GLY C 94 14.44 -15.56 -10.04
N VAL C 95 14.69 -16.76 -9.53
CA VAL C 95 16.06 -17.28 -9.40
C VAL C 95 16.69 -17.56 -10.78
N GLY C 96 15.87 -17.99 -11.74
CA GLY C 96 16.36 -18.26 -13.09
C GLY C 96 17.07 -17.07 -13.70
N ASN C 97 16.45 -15.89 -13.67
CA ASN C 97 17.05 -14.68 -14.21
C ASN C 97 18.30 -14.33 -13.42
N ILE C 98 18.25 -14.52 -12.11
CA ILE C 98 19.37 -14.16 -11.25
C ILE C 98 20.59 -15.03 -11.53
N ILE C 99 20.39 -16.33 -11.64
CA ILE C 99 21.46 -17.23 -12.07
C ILE C 99 22.03 -16.79 -13.41
N ASN C 100 21.15 -16.61 -14.40
CA ASN C 100 21.60 -16.21 -15.74
C ASN C 100 22.39 -14.87 -15.76
N ILE C 101 21.98 -13.91 -14.95
CA ILE C 101 22.72 -12.65 -14.85
C ILE C 101 24.08 -12.86 -14.20
N VAL C 102 24.14 -13.63 -13.10
CA VAL C 102 25.38 -13.84 -12.38
C VAL C 102 26.40 -14.68 -13.16
N ALA C 104 26.61 -14.79 -16.48
CA ALA C 104 26.92 -14.12 -17.73
C ALA C 104 28.35 -13.59 -17.72
N ASP C 105 28.95 -13.55 -18.89
CA ASP C 105 30.36 -13.28 -19.03
C ASP C 105 30.57 -12.45 -20.27
N SER C 106 30.74 -11.13 -20.07
CA SER C 106 31.20 -10.24 -21.13
C SER C 106 32.72 -10.41 -21.27
N ILE C 107 33.13 -11.16 -22.29
CA ILE C 107 34.55 -11.49 -22.50
C ILE C 107 35.46 -10.25 -22.57
N ARG C 108 34.93 -9.15 -23.11
CA ARG C 108 35.70 -7.95 -23.36
C ARG C 108 35.42 -6.79 -22.43
N ASP C 109 34.45 -6.93 -21.55
CA ASP C 109 34.22 -5.93 -20.53
C ASP C 109 35.46 -5.80 -19.63
N ASN C 110 35.84 -4.56 -19.36
CA ASN C 110 37.00 -4.36 -18.53
C ASN C 110 36.76 -3.63 -17.21
N PHE C 111 35.54 -3.67 -16.66
CA PHE C 111 35.27 -3.17 -15.28
C PHE C 111 36.25 -3.82 -14.30
N LYS C 112 36.94 -3.00 -13.51
CA LYS C 112 37.86 -3.52 -12.49
C LYS C 112 37.22 -3.40 -11.14
N ILE C 113 37.21 -4.49 -10.37
CA ILE C 113 36.77 -4.48 -8.99
C ILE C 113 38.03 -4.37 -8.14
N ASP C 114 38.34 -3.15 -7.70
CA ASP C 114 39.63 -2.90 -7.15
C ASP C 114 39.58 -1.58 -6.43
N VAL C 115 39.63 -1.61 -5.09
CA VAL C 115 39.57 -0.38 -4.27
C VAL C 115 40.91 0.09 -3.77
N SER C 116 41.98 -0.39 -4.41
CA SER C 116 43.32 0.04 -4.05
C SER C 116 43.54 1.54 -4.27
N PRO C 117 42.79 2.19 -5.19
CA PRO C 117 42.94 3.67 -5.30
C PRO C 117 42.57 4.43 -4.02
N TYR C 118 41.73 3.83 -3.19
CA TYR C 118 41.41 4.38 -1.87
C TYR C 118 42.36 3.94 -0.75
N GLY C 119 43.44 3.27 -1.12
CA GLY C 119 44.38 2.73 -0.15
C GLY C 119 43.85 1.53 0.60
N LEU C 120 42.92 0.78 0.00
CA LEU C 120 42.31 -0.36 0.68
C LEU C 120 42.70 -1.65 0.03
N ASN C 121 42.75 -2.71 0.82
CA ASN C 121 42.88 -4.10 0.29
C ASN C 121 41.51 -4.60 -0.16
N THR C 122 41.40 -4.93 -1.45
CA THR C 122 40.11 -5.25 -2.05
C THR C 122 39.45 -6.49 -1.42
N GLN C 123 40.26 -7.53 -1.20
CA GLN C 123 39.79 -8.74 -0.54
C GLN C 123 39.24 -8.48 0.86
N ASN C 124 39.98 -7.69 1.64
CA ASN C 124 39.51 -7.31 2.97
C ASN C 124 38.25 -6.46 2.95
N PHE C 125 38.18 -5.53 2.01
CA PHE C 125 37.03 -4.66 1.84
C PHE C 125 35.77 -5.46 1.55
N LEU C 126 35.91 -6.46 0.69
CA LEU C 126 34.78 -7.32 0.32
C LEU C 126 34.36 -8.23 1.45
N LYS C 127 35.33 -8.77 2.16
CA LYS C 127 35.08 -9.51 3.38
C LYS C 127 34.31 -8.67 4.42
N THR C 128 34.76 -7.45 4.63
CA THR C 128 34.09 -6.54 5.56
C THR C 128 32.66 -6.17 5.16
N CYS C 129 32.41 -6.09 3.84
CA CYS C 129 31.06 -5.91 3.30
C CYS C 129 30.13 -6.99 3.75
N ASN C 130 30.59 -8.23 3.70
CA ASN C 130 29.78 -9.37 4.19
C ASN C 130 29.57 -9.36 5.72
N GLU C 131 30.60 -8.98 6.47
CA GLU C 131 30.47 -8.76 7.91
C GLU C 131 29.47 -7.66 8.28
N GLU C 132 29.48 -6.60 7.49
CA GLU C 132 28.52 -5.52 7.64
C GLU C 132 27.08 -6.00 7.34
N ALA C 133 26.89 -6.66 6.20
CA ALA C 133 25.60 -7.26 5.83
C ALA C 133 25.11 -8.17 6.93
N THR C 134 26.02 -9.02 7.42
CA THR C 134 25.72 -10.00 8.47
C THR C 134 25.31 -9.31 9.78
N PHE C 135 26.01 -8.23 10.11
CA PHE C 135 25.70 -7.46 11.33
C PHE C 135 24.32 -6.85 11.27
N ILE C 136 23.98 -6.25 10.15
CA ILE C 136 22.68 -5.59 10.01
C ILE C 136 21.53 -6.58 10.32
N ALA C 137 21.59 -7.78 9.72
CA ALA C 137 20.59 -8.83 9.96
C ALA C 137 20.63 -9.33 11.41
N ASN C 138 21.84 -9.56 11.92
CA ASN C 138 21.98 -9.95 13.31
C ASN C 138 21.37 -8.91 14.27
N TRP C 139 21.68 -7.65 14.00
CA TRP C 139 21.18 -6.53 14.80
C TRP C 139 19.66 -6.41 14.78
N LEU C 140 19.06 -6.41 13.59
CA LEU C 140 17.66 -5.96 13.45
C LEU C 140 16.62 -6.99 12.99
N ASN C 141 17.03 -8.20 12.60
CA ASN C 141 16.05 -9.18 12.07
C ASN C 141 14.90 -9.44 13.02
N ASP C 142 15.18 -9.42 14.32
CA ASP C 142 14.12 -9.55 15.34
C ASP C 142 13.47 -8.21 15.63
N GLU C 143 14.31 -7.21 15.96
CA GLU C 143 13.87 -5.88 16.39
C GLU C 143 12.98 -5.20 15.37
N ASP C 144 13.44 -5.18 14.12
CA ASP C 144 12.74 -4.50 13.02
C ASP C 144 13.14 -5.15 11.70
N LYS C 145 12.43 -6.23 11.36
CA LYS C 145 12.75 -7.07 10.21
C LYS C 145 12.65 -6.29 8.90
N LYS C 146 11.61 -5.47 8.76
CA LYS C 146 11.42 -4.66 7.58
C LYS C 146 12.59 -3.70 7.36
N LEU C 147 13.07 -3.11 8.45
CA LEU C 147 14.24 -2.22 8.37
C LEU C 147 15.51 -3.00 8.03
N SER C 148 15.68 -4.19 8.58
CA SER C 148 16.88 -4.99 8.24
C SER C 148 16.93 -5.31 6.75
N HIS C 149 15.79 -5.67 6.15
CA HIS C 149 15.69 -5.94 4.70
C HIS C 149 15.96 -4.74 3.83
N LEU C 150 15.55 -3.54 4.29
CA LEU C 150 15.85 -2.28 3.60
C LEU C 150 17.31 -1.84 3.77
N LEU C 151 17.86 -2.06 4.97
CA LEU C 151 19.15 -1.47 5.33
C LEU C 151 20.33 -2.17 4.71
N VAL C 152 20.28 -3.49 4.59
CA VAL C 152 21.42 -4.20 3.98
C VAL C 152 21.73 -3.68 2.55
N PRO C 153 20.72 -3.61 1.66
CA PRO C 153 20.98 -2.98 0.34
C PRO C 153 21.41 -1.50 0.42
N CYS C 154 20.91 -0.74 1.40
CA CYS C 154 21.38 0.65 1.59
C CYS C 154 22.90 0.67 1.85
N ALA C 155 23.34 -0.21 2.74
CA ALA C 155 24.73 -0.27 3.15
C ALA C 155 25.63 -0.75 2.02
N LEU C 157 24.93 -0.55 -1.19
CA LEU C 157 24.92 0.52 -2.19
C LEU C 157 25.86 1.70 -1.76
N LEU C 158 25.89 2.00 -0.46
CA LEU C 158 26.89 2.96 0.03
C LEU C 158 28.29 2.47 -0.29
N ARG C 159 28.58 1.19 -0.05
CA ARG C 159 29.94 0.64 -0.31
C ARG C 159 30.29 0.58 -1.82
N LEU C 160 29.27 0.43 -2.66
CA LEU C 160 29.45 0.48 -4.11
C LEU C 160 30.03 1.82 -4.63
N GLY C 161 29.77 2.92 -3.89
CA GLY C 161 30.29 4.24 -4.27
C GLY C 161 31.78 4.23 -4.60
N ILE C 162 32.61 3.77 -3.67
CA ILE C 162 34.05 3.74 -3.90
C ILE C 162 34.49 2.67 -4.88
N VAL C 163 33.70 1.64 -5.07
CA VAL C 163 33.96 0.66 -6.08
C VAL C 163 33.85 1.29 -7.47
N ILE C 164 32.77 2.02 -7.69
CA ILE C 164 32.53 2.70 -8.97
C ILE C 164 33.59 3.77 -9.21
N PHE C 165 33.88 4.56 -8.17
CA PHE C 165 34.90 5.60 -8.29
C PHE C 165 36.29 4.97 -8.59
N SER C 166 36.62 3.90 -7.89
CA SER C 166 37.89 3.26 -8.10
C SER C 166 38.05 2.75 -9.52
N ASN C 167 37.04 2.10 -10.08
CA ASN C 167 37.08 1.68 -11.46
C ASN C 167 37.28 2.83 -12.41
N PHE C 168 36.56 3.91 -12.19
CA PHE C 168 36.64 5.08 -13.05
C PHE C 168 38.00 5.70 -13.03
N LEU C 169 38.58 5.78 -11.83
CA LEU C 169 39.92 6.33 -11.67
C LEU C 169 40.93 5.50 -12.38
N ILE C 170 40.79 4.19 -12.24
CA ILE C 170 41.70 3.24 -12.91
C ILE C 170 41.55 3.29 -14.42
N GLN C 171 40.32 3.31 -14.95
CA GLN C 171 40.12 3.40 -16.40
C GLN C 171 40.78 4.66 -16.98
N ASN C 172 40.81 5.73 -16.18
CA ASN C 172 41.29 7.02 -16.64
C ASN C 172 42.70 7.35 -16.22
N HIS C 173 43.36 6.37 -15.63
CA HIS C 173 44.76 6.47 -15.24
C HIS C 173 45.01 7.63 -14.27
N LYS C 174 44.08 7.80 -13.32
CA LYS C 174 44.18 8.82 -12.31
C LYS C 174 44.22 8.24 -10.89
N ASP C 175 44.25 6.92 -10.81
CA ASP C 175 44.15 6.20 -9.54
C ASP C 175 45.38 6.41 -8.63
N LYS C 176 46.56 6.47 -9.24
CA LYS C 176 47.80 6.70 -8.53
C LYS C 176 47.88 8.11 -7.97
N ASP C 177 47.47 9.09 -8.77
CA ASP C 177 47.43 10.47 -8.33
C ASP C 177 46.38 10.66 -7.24
N PHE C 178 45.23 10.01 -7.42
CA PHE C 178 44.19 10.01 -6.41
C PHE C 178 44.69 9.51 -5.06
N LEU C 179 45.26 8.31 -5.03
CA LEU C 179 45.75 7.72 -3.80
C LEU C 179 46.78 8.66 -3.12
N ALA C 180 47.76 9.15 -3.89
CA ALA C 180 48.76 10.08 -3.37
C ALA C 180 48.10 11.28 -2.68
N PHE C 181 47.16 11.90 -3.38
CA PHE C 181 46.40 13.02 -2.82
C PHE C 181 45.60 12.64 -1.56
N LEU C 182 44.98 11.46 -1.58
CA LEU C 182 44.20 10.97 -0.47
C LEU C 182 45.08 10.75 0.78
N ASN C 183 46.31 10.35 0.59
CA ASN C 183 47.20 10.21 1.71
C ASN C 183 47.62 11.57 2.29
N LYS C 184 47.97 12.50 1.40
CA LYS C 184 48.46 13.81 1.82
C LYS C 184 47.32 14.74 2.23
N ASN C 185 46.09 14.23 2.31
CA ASN C 185 44.95 15.07 2.71
C ASN C 185 43.98 14.39 3.68
N GLU C 186 43.77 13.07 3.52
CA GLU C 186 43.03 12.21 4.46
C GLU C 186 41.51 12.24 4.31
N ASN C 187 40.96 13.26 3.64
CA ASN C 187 39.50 13.40 3.44
C ASN C 187 39.08 12.83 2.09
N LEU C 188 38.20 11.82 2.08
CA LEU C 188 37.71 11.16 0.85
C LEU C 188 37.02 12.14 -0.05
N ALA C 189 36.04 12.86 0.51
CA ALA C 189 35.17 13.77 -0.25
C ALA C 189 35.97 14.85 -0.95
N LEU C 190 37.01 15.33 -0.26
CA LEU C 190 37.92 16.33 -0.80
C LEU C 190 38.72 15.77 -1.98
N ALA C 191 39.21 14.55 -1.84
CA ALA C 191 39.92 13.90 -2.93
C ALA C 191 38.97 13.68 -4.11
N GLU C 192 37.78 13.20 -3.82
CA GLU C 192 36.78 12.93 -4.84
C GLU C 192 36.37 14.19 -5.60
N ASN C 193 36.09 15.25 -4.87
CA ASN C 193 35.84 16.55 -5.48
C ASN C 193 37.02 17.11 -6.28
N GLU C 194 38.25 16.85 -5.82
CA GLU C 194 39.46 17.27 -6.54
C GLU C 194 39.64 16.54 -7.87
N PHE C 195 39.42 15.22 -7.91
CA PHE C 195 39.65 14.46 -9.14
C PHE C 195 38.41 14.26 -10.01
N LEU C 196 37.25 14.08 -9.40
CA LEU C 196 36.02 13.82 -10.14
C LEU C 196 35.07 15.03 -10.18
N GLY C 197 35.22 15.96 -9.26
CA GLY C 197 34.26 17.07 -9.15
C GLY C 197 32.97 16.73 -8.41
N VAL C 198 32.89 15.52 -7.87
CA VAL C 198 31.71 15.11 -7.12
C VAL C 198 32.13 14.06 -6.11
N ASP C 199 31.38 13.96 -5.01
CA ASP C 199 31.60 12.90 -4.03
C ASP C 199 30.71 11.70 -4.32
N HIS C 200 31.08 10.54 -3.77
CA HIS C 200 30.39 9.30 -4.17
C HIS C 200 28.96 9.17 -3.61
N ILE C 201 28.66 9.84 -2.50
CA ILE C 201 27.30 9.85 -1.99
C ILE C 201 26.36 10.63 -2.92
N SER C 202 26.78 11.83 -3.31
CA SER C 202 26.03 12.60 -4.29
C SER C 202 25.83 11.83 -5.57
N PHE C 203 26.89 11.22 -6.09
CA PHE C 203 26.75 10.49 -7.33
C PHE C 203 25.76 9.32 -7.11
N LEU C 204 25.82 8.66 -5.97
CA LEU C 204 24.89 7.52 -5.75
C LEU C 204 23.43 8.01 -5.82
N GLY C 205 23.15 9.18 -5.25
CA GLY C 205 21.82 9.79 -5.37
C GLY C 205 21.39 9.97 -6.80
N PHE C 206 22.26 10.56 -7.58
CA PHE C 206 22.04 10.72 -9.01
C PHE C 206 21.84 9.36 -9.71
N LEU C 207 22.75 8.45 -9.46
CA LEU C 207 22.71 7.17 -10.14
C LEU C 207 21.42 6.37 -9.80
N LEU C 208 21.10 6.29 -8.52
CA LEU C 208 19.99 5.48 -8.11
C LEU C 208 18.63 6.08 -8.48
N HIS C 209 18.53 7.40 -8.52
CA HIS C 209 17.36 8.07 -9.06
C HIS C 209 17.18 7.75 -10.54
N ARG C 210 18.24 7.94 -11.30
CA ARG C 210 18.20 7.60 -12.74
C ARG C 210 17.80 6.12 -12.96
N TRP C 211 18.20 5.23 -12.06
CA TRP C 211 17.91 3.79 -12.18
C TRP C 211 16.59 3.39 -11.51
N ASN C 212 15.74 4.37 -11.19
CA ASN C 212 14.39 4.14 -10.71
C ASN C 212 14.34 3.46 -9.34
N PHE C 213 15.26 3.79 -8.45
CA PHE C 213 15.21 3.21 -7.12
C PHE C 213 14.16 3.98 -6.29
N ASP C 214 13.69 3.35 -5.22
CA ASP C 214 12.78 3.97 -4.30
C ASP C 214 13.43 5.17 -3.62
N ASP C 215 12.64 6.19 -3.35
CA ASP C 215 13.13 7.44 -2.74
C ASP C 215 13.56 7.32 -1.28
N VAL C 216 12.95 6.44 -0.51
CA VAL C 216 13.33 6.28 0.90
C VAL C 216 14.74 5.70 0.99
N LEU C 217 14.97 4.66 0.20
CA LEU C 217 16.27 4.05 0.08
C LEU C 217 17.34 5.08 -0.37
N ILE C 218 17.06 5.78 -1.45
CA ILE C 218 17.98 6.78 -1.97
C ILE C 218 18.33 7.84 -0.93
N GLU C 219 17.31 8.45 -0.33
CA GLU C 219 17.48 9.49 0.68
C GLU C 219 18.14 9.02 1.96
N SER C 220 17.99 7.76 2.34
CA SER C 220 18.70 7.19 3.49
C SER C 220 20.18 7.31 3.28
N ILE C 221 20.61 6.98 2.05
CA ILE C 221 22.00 7.03 1.64
C ILE C 221 22.47 8.48 1.57
N CYS C 222 21.65 9.36 0.99
CA CYS C 222 22.02 10.78 0.79
C CYS C 222 22.11 11.57 2.09
N PHE C 223 21.32 11.17 3.09
CA PHE C 223 21.31 11.83 4.38
C PHE C 223 22.10 11.08 5.46
N VAL C 224 22.96 10.15 5.06
CA VAL C 224 23.77 9.37 6.00
C VAL C 224 24.63 10.26 6.92
N ARG C 225 25.12 11.38 6.41
CA ARG C 225 25.92 12.30 7.21
C ARG C 225 25.09 13.22 8.10
N THR C 226 23.80 13.36 7.79
CA THR C 226 22.89 14.23 8.53
C THR C 226 21.52 13.57 8.70
N PRO C 227 21.45 12.45 9.43
CA PRO C 227 20.19 11.71 9.55
C PRO C 227 19.07 12.53 10.24
N HIS C 228 19.43 13.37 11.21
CA HIS C 228 18.50 14.31 11.84
C HIS C 228 17.74 15.18 10.82
N ALA C 229 18.37 15.47 9.68
CA ALA C 229 17.79 16.37 8.67
C ALA C 229 16.91 15.68 7.62
N ALA C 230 16.82 14.36 7.66
CA ALA C 230 16.00 13.68 6.65
C ALA C 230 14.49 13.85 6.95
N ARG C 231 13.67 13.58 5.95
CA ARG C 231 12.23 13.52 6.10
C ARG C 231 11.89 12.49 7.16
N GLU C 232 10.76 12.72 7.83
CA GLU C 232 10.36 11.88 8.96
C GLU C 232 10.36 10.40 8.60
N LYS C 233 9.88 10.07 7.40
CA LYS C 233 9.76 8.63 7.03
C LYS C 233 11.10 7.99 6.60
N VAL C 234 12.12 8.82 6.41
CA VAL C 234 13.46 8.39 6.02
C VAL C 234 14.42 8.31 7.22
N LYS C 235 14.07 8.98 8.33
CA LYS C 235 15.00 9.17 9.45
C LYS C 235 15.49 7.86 10.07
N LYS C 236 14.57 6.93 10.31
CA LYS C 236 14.89 5.65 10.94
C LYS C 236 16.02 4.93 10.18
N SER C 237 15.85 4.81 8.88
CA SER C 237 16.83 4.12 8.02
C SER C 237 18.10 4.92 7.80
N ALA C 238 18.00 6.24 7.72
CA ALA C 238 19.18 7.10 7.65
C ALA C 238 20.03 6.98 8.92
N TYR C 239 19.38 7.01 10.10
CA TYR C 239 20.07 6.82 11.38
C TYR C 239 20.75 5.44 11.45
N ALA C 240 19.99 4.41 11.10
CA ALA C 240 20.49 3.03 11.15
C ALA C 240 21.67 2.85 10.21
N LEU C 241 21.59 3.47 9.05
CA LEU C 241 22.67 3.39 8.10
C LEU C 241 23.92 4.07 8.67
N ALA C 242 23.75 5.25 9.25
CA ALA C 242 24.84 6.03 9.82
C ALA C 242 25.50 5.33 11.01
N ILE C 243 24.68 4.66 11.80
CA ILE C 243 25.17 3.86 12.91
C ILE C 243 26.09 2.76 12.37
N THR C 244 25.57 2.03 11.39
CA THR C 244 26.31 0.94 10.76
C THR C 244 27.60 1.43 10.12
N ASP C 245 27.51 2.55 9.43
CA ASP C 245 28.64 3.11 8.70
C ASP C 245 29.78 3.49 9.63
N HIS C 246 29.45 4.05 10.81
CA HIS C 246 30.47 4.34 11.85
C HIS C 246 31.15 3.06 12.34
N LEU C 247 30.41 1.95 12.33
CA LEU C 247 30.94 0.66 12.72
C LEU C 247 31.72 -0.06 11.64
N PHE C 248 31.36 0.16 10.37
CA PHE C 248 31.90 -0.65 9.27
C PHE C 248 32.57 0.08 8.11
N ALA C 249 32.61 1.41 8.16
CA ALA C 249 33.28 2.17 7.09
C ALA C 249 34.73 1.68 6.94
N PRO C 250 35.19 1.45 5.70
CA PRO C 250 36.49 0.77 5.45
C PRO C 250 37.70 1.41 6.09
N HIS C 251 37.76 2.74 6.13
CA HIS C 251 38.97 3.40 6.60
C HIS C 251 39.11 3.49 8.13
N ASP C 252 37.98 3.75 8.82
CA ASP C 252 38.02 4.00 10.27
C ASP C 252 36.85 3.38 11.07
N GLY C 253 36.18 2.41 10.47
CA GLY C 253 35.04 1.78 11.11
C GLY C 253 35.41 1.20 12.46
N SER C 254 34.56 1.46 13.46
CA SER C 254 34.72 0.95 14.83
C SER C 254 35.94 1.45 15.61
N SER C 255 36.57 2.52 15.12
CA SER C 255 37.56 3.26 15.92
C SER C 255 36.91 3.64 17.24
N PRO C 256 37.73 4.05 18.24
CA PRO C 256 37.10 4.52 19.47
C PRO C 256 36.10 5.66 19.19
N PHE C 257 36.51 6.62 18.38
CA PHE C 257 35.64 7.74 17.99
C PHE C 257 34.34 7.24 17.29
N ASN C 258 34.49 6.32 16.36
CA ASN C 258 33.35 5.94 15.55
C ASN C 258 32.42 4.94 16.29
N ALA C 259 32.99 4.13 17.18
CA ALA C 259 32.17 3.25 18.02
C ALA C 259 31.30 4.10 18.96
N LYS C 260 31.92 5.08 19.61
CA LYS C 260 31.17 6.00 20.48
C LYS C 260 30.10 6.74 19.69
N ALA C 261 30.47 7.23 18.50
CA ALA C 261 29.55 8.03 17.69
C ALA C 261 28.32 7.21 17.24
N ALA C 262 28.51 5.91 17.01
CA ALA C 262 27.40 5.03 16.66
C ALA C 262 26.41 4.88 17.83
N VAL C 263 26.92 4.73 19.04
CA VAL C 263 26.08 4.64 20.22
C VAL C 263 25.35 5.95 20.48
N ALA C 264 26.06 7.07 20.33
CA ALA C 264 25.45 8.39 20.50
C ALA C 264 24.30 8.63 19.53
N LEU C 265 24.45 8.19 18.29
CA LEU C 265 23.41 8.40 17.28
C LEU C 265 22.14 7.62 17.61
N LEU C 266 22.30 6.43 18.18
CA LEU C 266 21.15 5.64 18.63
C LEU C 266 20.35 6.41 19.68
N LYS C 267 21.05 7.14 20.53
CA LYS C 267 20.43 7.93 21.58
C LYS C 267 19.75 9.20 20.99
N GLU C 268 20.31 9.75 19.89
CA GLU C 268 19.74 10.96 19.24
C GLU C 268 18.41 10.68 18.50
N ALA C 269 18.39 9.67 17.63
CA ALA C 269 17.13 9.13 17.07
C ALA C 269 16.00 8.92 18.12
N LYS C 270 16.37 8.45 19.31
CA LYS C 270 15.41 8.23 20.38
C LYS C 270 14.74 9.54 20.79
N THR C 271 15.45 10.67 20.68
CA THR C 271 14.87 11.98 21.04
C THR C 271 13.78 12.45 20.06
N GLN C 272 13.69 11.81 18.88
CA GLN C 272 12.69 12.14 17.86
C GLN C 272 11.65 11.03 17.69
N GLY C 273 11.51 10.20 18.71
CA GLY C 273 10.49 9.17 18.70
C GLY C 273 10.81 7.99 17.81
N ILE C 274 12.10 7.81 17.50
CA ILE C 274 12.58 6.66 16.74
C ILE C 274 13.35 5.76 17.73
N ASN C 275 12.65 4.79 18.29
CA ASN C 275 13.18 3.99 19.39
C ASN C 275 13.99 2.80 18.89
N PHE C 276 15.30 2.98 18.78
CA PHE C 276 16.21 1.85 18.69
C PHE C 276 16.52 1.40 20.12
N ASP C 277 16.53 0.09 20.33
CA ASP C 277 16.86 -0.46 21.63
C ASP C 277 18.37 -0.29 21.91
N LEU C 278 18.68 0.64 22.80
CA LEU C 278 20.04 0.92 23.27
C LEU C 278 20.79 -0.38 23.60
N ASN C 279 20.23 -1.18 24.51
CA ASN C 279 20.86 -2.42 24.93
C ASN C 279 21.14 -3.39 23.78
N ASN C 280 20.17 -3.55 22.89
CA ASN C 280 20.29 -4.50 21.78
C ASN C 280 21.41 -4.13 20.81
N LEU C 281 21.68 -2.84 20.63
CA LEU C 281 22.80 -2.43 19.79
C LEU C 281 24.11 -2.85 20.45
N LEU C 282 24.27 -2.46 21.72
CA LEU C 282 25.53 -2.65 22.43
C LEU C 282 25.88 -4.14 22.46
N SER C 283 24.85 -4.97 22.68
CA SER C 283 24.99 -6.42 22.71
C SER C 283 25.50 -6.95 21.38
N LYS C 284 24.94 -6.41 20.29
CA LYS C 284 25.21 -6.89 18.93
C LYS C 284 26.41 -6.21 18.26
N LEU C 285 27.08 -5.29 18.96
CA LEU C 285 28.22 -4.56 18.38
C LEU C 285 29.43 -5.46 18.12
N PRO C 286 30.17 -5.21 17.02
CA PRO C 286 31.45 -5.87 16.73
C PRO C 286 32.37 -5.86 17.92
N ASN C 287 33.30 -6.81 17.98
CA ASN C 287 34.28 -6.87 19.07
C ASN C 287 35.19 -5.65 19.10
N LYS C 288 35.63 -5.20 17.91
CA LYS C 288 36.48 -4.00 17.79
C LYS C 288 35.77 -2.79 18.41
N ALA C 289 34.56 -2.52 17.93
CA ALA C 289 33.71 -1.43 18.43
C ALA C 289 33.45 -1.52 19.93
N LYS C 290 33.14 -2.72 20.42
CA LYS C 290 32.88 -2.94 21.87
C LYS C 290 34.10 -2.66 22.75
N GLU C 291 35.27 -3.13 22.32
CA GLU C 291 36.50 -2.82 23.08
C GLU C 291 36.76 -1.32 23.00
N ASN C 292 36.68 -0.79 21.79
CA ASN C 292 36.94 0.62 21.54
C ASN C 292 35.98 1.65 22.28
N LEU C 293 34.74 1.09 22.56
CA LEU C 293 33.69 1.92 23.18
C LEU C 293 34.06 2.23 24.62
N ASN D 18 -0.96 -36.45 -32.77
CA ASN D 18 -0.26 -35.94 -31.60
C ASN D 18 0.46 -34.65 -31.94
N GLU D 19 1.05 -34.63 -33.12
CA GLU D 19 1.82 -33.49 -33.58
C GLU D 19 0.96 -32.31 -33.96
N LEU D 20 -0.19 -32.60 -34.55
CA LEU D 20 -1.19 -31.56 -34.85
C LEU D 20 -1.73 -30.93 -33.58
N LEU D 21 -2.07 -31.75 -32.60
CA LEU D 21 -2.53 -31.27 -31.32
C LEU D 21 -1.47 -30.42 -30.63
N LEU D 22 -0.24 -30.89 -30.69
CA LEU D 22 0.91 -30.20 -30.11
C LEU D 22 1.03 -28.80 -30.70
N LYS D 23 0.99 -28.70 -32.03
CA LYS D 23 0.97 -27.41 -32.70
C LYS D 23 -0.22 -26.51 -32.26
N SER D 24 -1.38 -27.11 -32.00
CA SER D 24 -2.54 -26.35 -31.53
C SER D 24 -2.35 -25.69 -30.15
N VAL D 25 -1.40 -26.17 -29.34
CA VAL D 25 -1.14 -25.64 -27.99
C VAL D 25 0.22 -24.94 -27.84
N GLU D 26 0.80 -24.54 -28.95
CA GLU D 26 2.02 -23.74 -28.91
C GLU D 26 1.81 -22.42 -28.18
N VAL D 27 0.62 -21.84 -28.36
CA VAL D 27 0.21 -20.65 -27.65
C VAL D 27 -1.05 -20.99 -26.89
N LEU D 28 -1.00 -20.90 -25.57
CA LEU D 28 -2.20 -21.04 -24.74
C LEU D 28 -2.50 -19.72 -24.02
N PRO D 29 -3.77 -19.27 -24.06
CA PRO D 29 -4.11 -18.07 -23.31
C PRO D 29 -4.39 -18.41 -21.83
N PRO D 30 -4.28 -17.42 -20.95
CA PRO D 30 -4.75 -17.66 -19.59
C PRO D 30 -6.30 -17.65 -19.54
N LEU D 31 -6.88 -18.14 -18.44
CA LEU D 31 -8.30 -17.94 -18.24
C LEU D 31 -8.51 -16.46 -18.07
N PRO D 32 -9.60 -15.92 -18.67
CA PRO D 32 -9.99 -14.53 -18.42
C PRO D 32 -10.01 -14.17 -16.95
N ASP D 33 -10.55 -15.06 -16.12
CA ASP D 33 -10.61 -14.85 -14.66
C ASP D 33 -9.23 -14.73 -14.00
N THR D 34 -8.26 -15.49 -14.48
CA THR D 34 -6.87 -15.38 -14.05
C THR D 34 -6.35 -13.95 -14.35
N VAL D 35 -6.59 -13.48 -15.58
CA VAL D 35 -6.20 -12.12 -15.97
C VAL D 35 -6.85 -11.07 -15.04
N SER D 36 -8.15 -11.21 -14.82
CA SER D 36 -8.87 -10.22 -14.00
C SER D 36 -8.40 -10.19 -12.56
N LYS D 37 -8.18 -11.38 -11.97
CA LYS D 37 -7.77 -11.48 -10.57
C LYS D 37 -6.36 -10.98 -10.38
N LEU D 38 -5.49 -11.29 -11.35
CA LEU D 38 -4.10 -10.91 -11.26
C LEU D 38 -4.00 -9.41 -11.43
N ARG D 39 -4.72 -8.85 -12.40
CA ARG D 39 -4.75 -7.43 -12.64
C ARG D 39 -5.12 -6.62 -11.41
N LYS D 40 -6.16 -7.11 -10.74
CA LYS D 40 -6.67 -6.48 -9.52
C LYS D 40 -5.63 -6.54 -8.44
N TYR D 41 -5.15 -7.75 -8.18
CA TYR D 41 -4.21 -8.01 -7.09
C TYR D 41 -2.96 -7.16 -7.30
N VAL D 42 -2.43 -7.16 -8.52
CA VAL D 42 -1.39 -6.21 -8.93
C VAL D 42 -1.99 -4.80 -9.02
N ILE D 49 3.64 -7.36 -3.00
CA ILE D 49 3.10 -8.57 -3.63
C ILE D 49 3.73 -9.86 -3.09
N GLU D 50 2.86 -10.82 -2.78
CA GLU D 50 3.34 -12.05 -2.16
C GLU D 50 3.03 -13.26 -3.04
N THR D 51 4.03 -14.13 -3.12
CA THR D 51 4.01 -15.27 -4.04
C THR D 51 2.79 -16.17 -3.83
N LYS D 53 -0.33 -15.43 -2.95
CA LYS D 53 -1.55 -14.94 -3.57
C LYS D 53 -1.48 -15.19 -5.09
N VAL D 54 -0.29 -15.01 -5.67
CA VAL D 54 -0.11 -15.33 -7.10
C VAL D 54 -0.26 -16.82 -7.37
N ALA D 55 0.24 -17.64 -6.45
CA ALA D 55 0.17 -19.07 -6.59
C ALA D 55 -1.29 -19.55 -6.56
N GLU D 56 -2.07 -18.95 -5.66
CA GLU D 56 -3.46 -19.29 -5.50
C GLU D 56 -4.20 -18.99 -6.81
N ILE D 57 -3.93 -17.86 -7.44
CA ILE D 57 -4.56 -17.53 -8.73
C ILE D 57 -4.14 -18.50 -9.85
N ILE D 58 -2.86 -18.77 -9.95
CA ILE D 58 -2.36 -19.63 -11.05
C ILE D 58 -2.78 -21.12 -10.88
N SER D 59 -2.92 -21.56 -9.63
CA SER D 59 -3.08 -22.96 -9.32
C SER D 59 -4.40 -23.55 -9.81
N SER D 60 -5.42 -22.70 -9.96
CA SER D 60 -6.73 -23.11 -10.48
C SER D 60 -6.87 -22.92 -11.99
N ASP D 61 -5.79 -22.48 -12.67
CA ASP D 61 -5.80 -22.25 -14.10
C ASP D 61 -5.03 -23.38 -14.79
N PRO D 62 -5.75 -24.29 -15.47
CA PRO D 62 -5.04 -25.41 -16.11
C PRO D 62 -4.16 -24.99 -17.30
N LEU D 63 -4.52 -23.89 -17.96
CA LEU D 63 -3.71 -23.44 -19.09
C LEU D 63 -2.42 -22.75 -18.62
N THR D 65 -1.02 -23.28 -15.67
CA THR D 65 -0.26 -24.35 -15.01
C THR D 65 0.62 -25.01 -16.05
N ALA D 66 0.03 -25.30 -17.20
CA ALA D 66 0.73 -25.96 -18.29
C ALA D 66 1.86 -25.11 -18.89
N LYS D 67 1.51 -23.88 -19.28
CA LYS D 67 2.47 -23.02 -19.92
C LYS D 67 3.59 -22.63 -18.96
N LEU D 68 3.26 -22.37 -17.70
CA LEU D 68 4.29 -21.93 -16.78
C LEU D 68 5.22 -23.06 -16.39
N LEU D 69 4.68 -24.28 -16.22
CA LEU D 69 5.55 -25.46 -15.96
C LEU D 69 6.42 -25.77 -17.16
N GLN D 70 5.89 -25.54 -18.35
CA GLN D 70 6.64 -25.73 -19.56
C GLN D 70 7.83 -24.77 -19.61
N LEU D 71 7.56 -23.48 -19.41
CA LEU D 71 8.62 -22.48 -19.40
C LEU D 71 9.65 -22.77 -18.32
N ALA D 72 9.19 -23.12 -17.12
CA ALA D 72 10.11 -23.40 -15.99
C ALA D 72 10.99 -24.65 -16.19
N ASN D 73 10.48 -25.63 -16.94
CA ASN D 73 11.24 -26.84 -17.26
C ASN D 73 12.02 -26.72 -18.57
N SER D 74 12.08 -25.51 -19.13
CA SER D 74 12.84 -25.28 -20.34
C SER D 74 14.35 -25.18 -20.03
N PRO D 75 15.19 -25.53 -21.01
CA PRO D 75 16.66 -25.52 -20.89
C PRO D 75 17.21 -24.15 -20.53
N TYR D 76 16.51 -23.12 -20.93
CA TYR D 76 16.88 -21.75 -20.59
C TYR D 76 17.14 -21.53 -19.09
N TYR D 77 16.50 -22.32 -18.23
CA TYR D 77 16.70 -22.20 -16.78
C TYR D 77 17.57 -23.29 -16.16
N GLY D 78 17.85 -24.36 -16.90
CA GLY D 78 18.70 -25.45 -16.41
C GLY D 78 18.19 -26.25 -15.22
N PHE D 79 16.87 -26.42 -15.15
CA PHE D 79 16.21 -27.29 -14.16
C PHE D 79 15.20 -28.17 -14.89
N THR D 80 15.54 -28.56 -16.13
CA THR D 80 14.70 -29.36 -17.03
C THR D 80 14.25 -30.67 -16.40
N ARG D 81 12.92 -30.87 -16.33
CA ARG D 81 12.30 -32.04 -15.71
C ARG D 81 12.38 -32.05 -14.19
N GLU D 82 12.75 -30.92 -13.60
CA GLU D 82 12.88 -30.83 -12.14
C GLU D 82 11.82 -30.00 -11.47
N ILE D 83 11.05 -29.24 -12.24
CA ILE D 83 10.02 -28.32 -11.68
C ILE D 83 8.65 -28.96 -11.81
N THR D 84 7.98 -29.16 -10.67
CA THR D 84 6.67 -29.83 -10.58
C THR D 84 5.59 -29.11 -9.79
N THR D 85 5.93 -28.05 -9.08
CA THR D 85 4.97 -27.33 -8.23
C THR D 85 4.86 -25.88 -8.67
N ILE D 86 3.73 -25.26 -8.38
CA ILE D 86 3.53 -23.87 -8.71
C ILE D 86 4.47 -22.99 -7.89
N ASN D 87 4.66 -23.33 -6.62
CA ASN D 87 5.63 -22.61 -5.81
C ASN D 87 7.02 -22.63 -6.42
N GLN D 88 7.46 -23.80 -6.86
CA GLN D 88 8.72 -23.88 -7.58
C GLN D 88 8.78 -23.00 -8.85
N VAL D 89 7.66 -23.00 -9.59
CA VAL D 89 7.53 -22.20 -10.80
C VAL D 89 7.69 -20.71 -10.47
N ILE D 90 7.05 -20.26 -9.40
CA ILE D 90 7.10 -18.87 -9.03
C ILE D 90 8.51 -18.53 -8.55
N THR D 91 9.10 -19.40 -7.71
CA THR D 91 10.50 -19.27 -7.31
C THR D 91 11.47 -19.13 -8.50
N LEU D 92 11.32 -19.98 -9.51
CA LEU D 92 12.26 -19.93 -10.64
C LEU D 92 11.97 -18.77 -11.60
N LEU D 93 10.71 -18.68 -12.02
CA LEU D 93 10.34 -17.69 -13.03
C LEU D 93 10.27 -16.26 -12.51
N GLY D 94 9.92 -16.10 -11.22
CA GLY D 94 9.58 -14.81 -10.68
C GLY D 94 8.21 -14.32 -11.04
N VAL D 95 7.66 -13.49 -10.17
CA VAL D 95 6.33 -12.93 -10.36
C VAL D 95 6.28 -11.97 -11.56
N GLY D 96 7.36 -11.24 -11.82
CA GLY D 96 7.38 -10.34 -12.95
C GLY D 96 7.09 -11.05 -14.25
N ASN D 97 7.74 -12.18 -14.52
CA ASN D 97 7.44 -12.92 -15.75
C ASN D 97 6.02 -13.41 -15.80
N ILE D 98 5.55 -13.87 -14.64
CA ILE D 98 4.27 -14.48 -14.59
C ILE D 98 3.18 -13.44 -14.90
N ILE D 99 3.32 -12.27 -14.33
CA ILE D 99 2.45 -11.15 -14.68
C ILE D 99 2.58 -10.80 -16.16
N ASN D 100 3.79 -10.63 -16.68
CA ASN D 100 3.96 -10.29 -18.09
C ASN D 100 3.35 -11.34 -19.04
N ILE D 101 3.42 -12.62 -18.69
CA ILE D 101 2.82 -13.67 -19.51
C ILE D 101 1.31 -13.59 -19.41
N VAL D 102 0.78 -13.42 -18.21
CA VAL D 102 -0.66 -13.44 -18.02
C VAL D 102 -1.34 -12.23 -18.66
N ALA D 104 -0.17 -10.71 -21.40
CA ALA D 104 0.10 -10.68 -22.83
C ALA D 104 -1.18 -10.86 -23.66
N ASP D 105 -1.24 -10.15 -24.79
CA ASP D 105 -2.35 -10.25 -25.74
C ASP D 105 -2.20 -11.48 -26.64
N ASN D 110 -6.47 -17.43 -31.69
CA ASN D 110 -7.21 -18.55 -32.27
C ASN D 110 -7.75 -19.58 -31.23
N PHE D 111 -7.10 -19.65 -30.06
CA PHE D 111 -7.45 -20.65 -29.04
C PHE D 111 -8.77 -20.35 -28.32
N LYS D 112 -9.69 -21.32 -28.35
CA LYS D 112 -11.02 -21.18 -27.75
C LYS D 112 -11.05 -21.97 -26.45
N ILE D 113 -11.42 -21.30 -25.37
CA ILE D 113 -11.61 -21.96 -24.10
C ILE D 113 -13.09 -22.28 -23.97
N ASP D 114 -13.46 -23.52 -24.24
CA ASP D 114 -14.88 -23.85 -24.49
C ASP D 114 -15.05 -25.35 -24.45
N VAL D 115 -15.68 -25.84 -23.39
CA VAL D 115 -15.82 -27.29 -23.20
C VAL D 115 -17.20 -27.81 -23.55
N SER D 116 -17.95 -26.99 -24.32
CA SER D 116 -19.27 -27.37 -24.82
C SER D 116 -19.26 -28.59 -25.76
N PRO D 117 -18.16 -28.86 -26.52
CA PRO D 117 -18.16 -30.13 -27.30
C PRO D 117 -18.27 -31.42 -26.45
N TYR D 118 -17.85 -31.34 -25.19
CA TYR D 118 -18.04 -32.44 -24.25
C TYR D 118 -19.41 -32.37 -23.53
N GLY D 119 -20.27 -31.44 -23.96
CA GLY D 119 -21.58 -31.27 -23.35
C GLY D 119 -21.54 -30.61 -21.99
N LEU D 120 -20.52 -29.80 -21.75
CA LEU D 120 -20.34 -29.18 -20.45
C LEU D 120 -20.49 -27.69 -20.55
N ASN D 121 -20.97 -27.09 -19.46
CA ASN D 121 -21.01 -25.63 -19.34
C ASN D 121 -19.60 -25.17 -18.94
N THR D 122 -19.00 -24.32 -19.76
CA THR D 122 -17.61 -23.88 -19.56
C THR D 122 -17.37 -23.16 -18.25
N GLN D 123 -18.25 -22.24 -17.93
CA GLN D 123 -18.18 -21.49 -16.68
C GLN D 123 -18.25 -22.43 -15.47
N ASN D 124 -19.20 -23.37 -15.48
CA ASN D 124 -19.31 -24.33 -14.39
C ASN D 124 -18.09 -25.24 -14.30
N PHE D 125 -17.61 -25.68 -15.45
CA PHE D 125 -16.36 -26.48 -15.48
C PHE D 125 -15.14 -25.78 -14.85
N LEU D 126 -14.94 -24.52 -15.21
CA LEU D 126 -13.85 -23.74 -14.64
C LEU D 126 -14.07 -23.51 -13.13
N LYS D 127 -15.29 -23.17 -12.75
CA LYS D 127 -15.63 -23.06 -11.31
C LYS D 127 -15.28 -24.34 -10.54
N THR D 128 -15.66 -25.48 -11.09
CA THR D 128 -15.37 -26.78 -10.47
C THR D 128 -13.87 -27.08 -10.42
N CYS D 129 -13.12 -26.64 -11.42
CA CYS D 129 -11.65 -26.73 -11.40
C CYS D 129 -11.05 -26.08 -10.16
N ASN D 130 -11.55 -24.90 -9.84
CA ASN D 130 -11.11 -24.17 -8.66
C ASN D 130 -11.53 -24.83 -7.34
N GLU D 131 -12.75 -25.38 -7.28
CA GLU D 131 -13.21 -26.20 -6.15
C GLU D 131 -12.36 -27.45 -5.95
N GLU D 132 -11.98 -28.09 -7.05
CA GLU D 132 -11.09 -29.25 -7.02
C GLU D 132 -9.69 -28.87 -6.48
N ALA D 133 -9.07 -27.83 -7.05
CA ALA D 133 -7.82 -27.27 -6.53
C ALA D 133 -7.91 -26.98 -5.02
N THR D 134 -8.99 -26.30 -4.64
CA THR D 134 -9.25 -25.91 -3.27
C THR D 134 -9.42 -27.14 -2.36
N PHE D 135 -10.13 -28.15 -2.83
CA PHE D 135 -10.27 -29.39 -2.07
C PHE D 135 -8.94 -30.11 -1.84
N ILE D 136 -8.12 -30.21 -2.88
CA ILE D 136 -6.85 -30.91 -2.75
C ILE D 136 -6.02 -30.32 -1.60
N ALA D 137 -5.92 -29.00 -1.58
CA ALA D 137 -5.16 -28.30 -0.54
C ALA D 137 -5.84 -28.47 0.82
N ASN D 138 -7.15 -28.34 0.87
CA ASN D 138 -7.87 -28.54 2.12
C ASN D 138 -7.63 -29.98 2.64
N TRP D 139 -7.74 -30.96 1.74
CA TRP D 139 -7.53 -32.37 2.08
C TRP D 139 -6.13 -32.66 2.64
N LEU D 140 -5.10 -32.20 1.93
CA LEU D 140 -3.75 -32.69 2.16
C LEU D 140 -2.70 -31.69 2.66
N ASN D 141 -2.99 -30.39 2.74
CA ASN D 141 -1.89 -29.47 3.10
C ASN D 141 -1.35 -29.71 4.53
N ASP D 142 -2.11 -30.32 5.42
CA ASP D 142 -1.57 -30.76 6.73
C ASP D 142 -1.06 -32.19 6.68
N GLU D 143 -1.87 -33.10 6.17
CA GLU D 143 -1.54 -34.52 6.11
C GLU D 143 -0.27 -34.81 5.30
N ASP D 144 -0.16 -34.22 4.11
CA ASP D 144 0.99 -34.45 3.24
C ASP D 144 1.13 -33.27 2.29
N LYS D 145 1.84 -32.26 2.77
CA LYS D 145 1.96 -30.97 2.09
C LYS D 145 2.63 -31.13 0.75
N LYS D 146 3.69 -31.92 0.68
CA LYS D 146 4.43 -32.10 -0.56
C LYS D 146 3.56 -32.73 -1.64
N LEU D 147 2.72 -33.69 -1.25
CA LEU D 147 1.77 -34.29 -2.17
C LEU D 147 0.72 -33.28 -2.62
N SER D 148 0.22 -32.45 -1.71
CA SER D 148 -0.79 -31.47 -2.12
C SER D 148 -0.22 -30.53 -3.22
N HIS D 149 1.01 -30.08 -3.07
CA HIS D 149 1.65 -29.23 -4.07
C HIS D 149 1.86 -29.91 -5.41
N LEU D 150 2.12 -31.21 -5.38
CA LEU D 150 2.26 -32.01 -6.61
C LEU D 150 0.91 -32.30 -7.25
N LEU D 151 -0.09 -32.57 -6.42
CA LEU D 151 -1.37 -33.05 -6.90
C LEU D 151 -2.24 -32.01 -7.57
N VAL D 152 -2.21 -30.77 -7.07
CA VAL D 152 -3.01 -29.72 -7.68
C VAL D 152 -2.66 -29.60 -9.18
N PRO D 153 -1.36 -29.45 -9.51
CA PRO D 153 -0.96 -29.42 -10.91
C PRO D 153 -1.35 -30.64 -11.73
N CYS D 154 -1.25 -31.84 -11.14
CA CYS D 154 -1.72 -33.05 -11.77
C CYS D 154 -3.16 -32.99 -12.15
N ALA D 155 -4.01 -32.55 -11.21
CA ALA D 155 -5.45 -32.53 -11.46
C ALA D 155 -5.80 -31.47 -12.49
N LEU D 157 -3.78 -30.38 -14.84
CA LEU D 157 -3.29 -30.85 -16.11
C LEU D 157 -4.19 -31.98 -16.68
N LEU D 158 -4.76 -32.80 -15.79
CA LEU D 158 -5.77 -33.75 -16.23
C LEU D 158 -6.94 -33.02 -16.86
N ARG D 159 -7.40 -31.94 -16.22
CA ARG D 159 -8.57 -31.15 -16.72
C ARG D 159 -8.29 -30.48 -18.05
N LEU D 160 -7.03 -30.12 -18.23
CA LEU D 160 -6.56 -29.48 -19.46
C LEU D 160 -6.76 -30.36 -20.71
N GLY D 161 -6.79 -31.67 -20.49
CA GLY D 161 -7.00 -32.61 -21.58
C GLY D 161 -8.23 -32.31 -22.46
N ILE D 162 -9.40 -32.17 -21.81
CA ILE D 162 -10.61 -31.88 -22.55
C ILE D 162 -10.66 -30.43 -23.07
N VAL D 163 -9.95 -29.51 -22.41
CA VAL D 163 -9.82 -28.13 -22.92
C VAL D 163 -9.06 -28.10 -24.25
N ILE D 164 -7.94 -28.82 -24.32
CA ILE D 164 -7.14 -28.91 -25.56
C ILE D 164 -7.89 -29.59 -26.67
N PHE D 165 -8.56 -30.70 -26.35
CA PHE D 165 -9.33 -31.46 -27.31
C PHE D 165 -10.52 -30.63 -27.81
N SER D 166 -11.21 -29.93 -26.90
CA SER D 166 -12.34 -29.12 -27.31
C SER D 166 -11.92 -28.04 -28.32
N ASN D 167 -10.86 -27.31 -28.01
CA ASN D 167 -10.31 -26.32 -28.97
C ASN D 167 -9.98 -26.93 -30.31
N PHE D 168 -9.36 -28.08 -30.30
CA PHE D 168 -8.95 -28.73 -31.53
C PHE D 168 -10.15 -29.17 -32.34
N LEU D 169 -11.19 -29.67 -31.69
CA LEU D 169 -12.44 -30.05 -32.36
C LEU D 169 -13.16 -28.84 -32.95
N ILE D 170 -13.18 -27.74 -32.21
CA ILE D 170 -13.79 -26.52 -32.67
C ILE D 170 -13.03 -25.95 -33.88
N GLN D 171 -11.70 -25.89 -33.79
CA GLN D 171 -10.88 -25.35 -34.88
C GLN D 171 -11.11 -26.14 -36.16
N ASN D 172 -11.40 -27.43 -36.01
CA ASN D 172 -11.54 -28.32 -37.15
C ASN D 172 -12.98 -28.69 -37.45
N HIS D 173 -13.93 -27.92 -36.90
CA HIS D 173 -15.34 -28.03 -37.25
C HIS D 173 -15.91 -29.44 -37.03
N LYS D 174 -15.40 -30.13 -36.00
CA LYS D 174 -15.88 -31.47 -35.68
C LYS D 174 -16.57 -31.53 -34.30
N ASP D 175 -16.75 -30.37 -33.67
CA ASP D 175 -17.24 -30.32 -32.31
C ASP D 175 -18.71 -30.70 -32.14
N LYS D 176 -19.54 -30.34 -33.13
CA LYS D 176 -20.95 -30.69 -33.13
C LYS D 176 -21.14 -32.20 -33.36
N ASP D 177 -20.33 -32.77 -34.25
CA ASP D 177 -20.31 -34.19 -34.52
C ASP D 177 -19.91 -34.96 -33.27
N PHE D 178 -18.84 -34.44 -32.66
CA PHE D 178 -18.26 -35.05 -31.48
C PHE D 178 -19.29 -35.12 -30.36
N LEU D 179 -19.94 -34.00 -30.08
CA LEU D 179 -21.01 -33.94 -29.05
C LEU D 179 -22.14 -34.92 -29.33
N ALA D 180 -22.64 -34.91 -30.56
CA ALA D 180 -23.69 -35.84 -30.96
C ALA D 180 -23.29 -37.29 -30.69
N PHE D 181 -22.10 -37.67 -31.15
CA PHE D 181 -21.56 -39.01 -30.90
C PHE D 181 -21.43 -39.30 -29.40
N LEU D 182 -20.93 -38.34 -28.66
CA LEU D 182 -20.75 -38.49 -27.21
C LEU D 182 -22.12 -38.63 -26.51
N ASN D 183 -23.13 -37.94 -27.05
CA ASN D 183 -24.47 -38.02 -26.48
C ASN D 183 -25.21 -39.35 -26.75
N LYS D 184 -24.71 -40.14 -27.71
CA LYS D 184 -25.32 -41.45 -28.03
C LYS D 184 -24.43 -42.59 -27.53
N ASN D 185 -23.15 -42.28 -27.33
CA ASN D 185 -22.14 -43.23 -26.89
C ASN D 185 -21.24 -42.56 -25.87
N GLU D 186 -21.61 -42.64 -24.59
CA GLU D 186 -20.99 -41.83 -23.50
C GLU D 186 -19.55 -42.09 -23.07
N ASN D 187 -18.80 -42.93 -23.78
CA ASN D 187 -17.42 -43.13 -23.39
C ASN D 187 -16.53 -42.05 -23.97
N LEU D 188 -16.13 -41.11 -23.12
CA LEU D 188 -15.26 -40.04 -23.59
C LEU D 188 -14.15 -40.60 -24.49
N ALA D 189 -13.47 -41.61 -23.96
CA ALA D 189 -12.31 -42.17 -24.62
C ALA D 189 -12.61 -42.77 -25.97
N LEU D 190 -13.83 -43.32 -26.14
CA LEU D 190 -14.32 -43.85 -27.38
C LEU D 190 -14.62 -42.73 -28.37
N ALA D 191 -15.27 -41.67 -27.91
CA ALA D 191 -15.55 -40.53 -28.77
C ALA D 191 -14.23 -39.90 -29.22
N GLU D 192 -13.28 -39.75 -28.30
CA GLU D 192 -11.95 -39.23 -28.65
C GLU D 192 -11.21 -40.09 -29.66
N ASN D 193 -11.19 -41.40 -29.43
CA ASN D 193 -10.57 -42.32 -30.37
C ASN D 193 -11.24 -42.32 -31.72
N GLU D 194 -12.56 -42.13 -31.74
CA GLU D 194 -13.37 -42.03 -32.96
C GLU D 194 -13.03 -40.79 -33.80
N PHE D 195 -12.86 -39.65 -33.15
CA PHE D 195 -12.66 -38.37 -33.85
C PHE D 195 -11.20 -37.96 -33.98
N LEU D 196 -10.40 -38.26 -32.96
CA LEU D 196 -8.99 -37.85 -32.93
C LEU D 196 -8.02 -39.02 -33.13
N GLY D 197 -8.46 -40.24 -32.85
CA GLY D 197 -7.57 -41.40 -32.87
C GLY D 197 -6.67 -41.53 -31.63
N VAL D 198 -6.94 -40.75 -30.59
CA VAL D 198 -6.17 -40.85 -29.37
C VAL D 198 -7.02 -40.24 -28.27
N ASP D 199 -6.84 -40.75 -27.04
CA ASP D 199 -7.57 -40.27 -25.89
C ASP D 199 -6.75 -39.17 -25.20
N HIS D 200 -7.42 -38.36 -24.39
CA HIS D 200 -6.73 -37.19 -23.90
C HIS D 200 -5.65 -37.50 -22.84
N ILE D 201 -5.83 -38.58 -22.08
CA ILE D 201 -4.83 -38.99 -21.11
C ILE D 201 -3.52 -39.42 -21.79
N SER D 202 -3.63 -40.22 -22.83
CA SER D 202 -2.47 -40.57 -23.62
C SER D 202 -1.82 -39.36 -24.26
N PHE D 203 -2.61 -38.44 -24.80
CA PHE D 203 -2.03 -37.26 -25.42
C PHE D 203 -1.31 -36.43 -24.37
N LEU D 204 -1.88 -36.32 -23.19
CA LEU D 204 -1.20 -35.59 -22.11
C LEU D 204 0.15 -36.18 -21.79
N GLY D 205 0.22 -37.50 -21.72
CA GLY D 205 1.51 -38.18 -21.55
C GLY D 205 2.56 -37.76 -22.58
N PHE D 206 2.16 -37.79 -23.85
CA PHE D 206 2.99 -37.38 -24.96
C PHE D 206 3.37 -35.90 -24.83
N LEU D 207 2.37 -35.04 -24.65
CA LEU D 207 2.62 -33.62 -24.57
C LEU D 207 3.59 -33.29 -23.43
N LEU D 208 3.31 -33.80 -22.23
CA LEU D 208 4.07 -33.35 -21.05
C LEU D 208 5.52 -33.90 -21.05
N HIS D 209 5.70 -35.10 -21.62
CA HIS D 209 7.09 -35.60 -21.90
C HIS D 209 7.81 -34.68 -22.84
N ARG D 210 7.13 -34.29 -23.92
CA ARG D 210 7.71 -33.39 -24.89
C ARG D 210 8.08 -32.04 -24.29
N TRP D 211 7.26 -31.57 -23.34
CA TRP D 211 7.49 -30.27 -22.70
C TRP D 211 8.38 -30.35 -21.45
N ASN D 212 9.05 -31.51 -21.26
CA ASN D 212 10.03 -31.74 -20.19
C ASN D 212 9.46 -31.68 -18.76
N PHE D 213 8.28 -32.21 -18.57
CA PHE D 213 7.73 -32.28 -17.25
C PHE D 213 8.37 -33.42 -16.54
N ASP D 214 8.29 -33.41 -15.22
CA ASP D 214 8.86 -34.47 -14.41
C ASP D 214 8.03 -35.75 -14.53
N ASP D 215 8.69 -36.88 -14.54
CA ASP D 215 8.10 -38.19 -14.75
C ASP D 215 7.04 -38.63 -13.76
N VAL D 216 7.22 -38.27 -12.50
CA VAL D 216 6.27 -38.69 -11.48
C VAL D 216 4.90 -38.06 -11.72
N LEU D 217 4.91 -36.75 -11.97
CA LEU D 217 3.71 -36.05 -12.35
C LEU D 217 3.08 -36.64 -13.60
N ILE D 218 3.88 -36.84 -14.64
CA ILE D 218 3.37 -37.37 -15.87
C ILE D 218 2.69 -38.75 -15.68
N GLU D 219 3.39 -39.64 -14.98
CA GLU D 219 2.92 -40.99 -14.73
C GLU D 219 1.73 -41.04 -13.80
N SER D 220 1.63 -40.09 -12.89
CA SER D 220 0.43 -40.01 -12.04
C SER D 220 -0.82 -39.83 -12.88
N ILE D 221 -0.71 -38.97 -13.89
CA ILE D 221 -1.82 -38.69 -14.78
C ILE D 221 -2.07 -39.94 -15.60
N CYS D 222 -1.01 -40.54 -16.14
CA CYS D 222 -1.15 -41.67 -17.07
C CYS D 222 -1.77 -42.91 -16.46
N PHE D 223 -1.51 -43.11 -15.17
CA PHE D 223 -2.03 -44.25 -14.42
C PHE D 223 -3.26 -43.92 -13.57
N VAL D 224 -3.86 -42.77 -13.82
CA VAL D 224 -5.03 -42.37 -13.05
C VAL D 224 -6.15 -43.45 -13.10
N ARG D 225 -6.29 -44.19 -14.17
CA ARG D 225 -7.29 -45.28 -14.19
C ARG D 225 -6.82 -46.58 -13.54
N THR D 226 -5.52 -46.75 -13.34
CA THR D 226 -4.97 -48.01 -12.79
C THR D 226 -3.83 -47.69 -11.82
N PRO D 227 -4.12 -46.94 -10.75
CA PRO D 227 -3.12 -46.53 -9.75
C PRO D 227 -2.37 -47.68 -9.08
N HIS D 228 -3.04 -48.83 -8.92
CA HIS D 228 -2.40 -50.07 -8.45
C HIS D 228 -1.25 -50.56 -9.34
N ALA D 229 -1.27 -50.19 -10.63
CA ALA D 229 -0.24 -50.64 -11.56
C ALA D 229 0.94 -49.66 -11.73
N ALA D 230 0.90 -48.49 -11.08
CA ALA D 230 1.98 -47.51 -11.20
C ALA D 230 3.23 -47.99 -10.50
N ARG D 231 4.38 -47.46 -10.86
CA ARG D 231 5.60 -47.79 -10.13
C ARG D 231 5.47 -47.25 -8.72
N GLU D 232 6.22 -47.83 -7.79
CA GLU D 232 6.03 -47.57 -6.36
C GLU D 232 6.08 -46.10 -6.00
N LYS D 233 6.99 -45.34 -6.60
CA LYS D 233 7.15 -43.90 -6.33
C LYS D 233 5.98 -43.03 -6.81
N VAL D 234 5.23 -43.57 -7.77
CA VAL D 234 4.15 -42.82 -8.41
C VAL D 234 2.82 -43.16 -7.73
N LYS D 235 2.75 -44.29 -7.05
CA LYS D 235 1.48 -44.85 -6.60
C LYS D 235 0.68 -43.91 -5.74
N LYS D 236 1.34 -43.28 -4.76
CA LYS D 236 0.62 -42.41 -3.82
C LYS D 236 -0.12 -41.28 -4.53
N SER D 237 0.57 -40.60 -5.46
CA SER D 237 -0.03 -39.51 -6.24
C SER D 237 -1.04 -40.00 -7.30
N ALA D 238 -0.78 -41.14 -7.92
CA ALA D 238 -1.82 -41.73 -8.84
C ALA D 238 -3.12 -42.04 -8.10
N TYR D 239 -2.99 -42.65 -6.92
CA TYR D 239 -4.13 -42.96 -6.07
C TYR D 239 -4.88 -41.70 -5.68
N ALA D 240 -4.13 -40.68 -5.22
CA ALA D 240 -4.76 -39.41 -4.76
C ALA D 240 -5.41 -38.65 -5.89
N LEU D 241 -4.82 -38.75 -7.07
CA LEU D 241 -5.40 -38.16 -8.26
C LEU D 241 -6.66 -38.86 -8.61
N ALA D 242 -6.65 -40.20 -8.59
CA ALA D 242 -7.86 -40.98 -8.91
C ALA D 242 -8.98 -40.72 -7.90
N ILE D 243 -8.63 -40.60 -6.63
CA ILE D 243 -9.62 -40.29 -5.60
C ILE D 243 -10.26 -38.95 -5.92
N THR D 244 -9.43 -37.96 -6.20
CA THR D 244 -9.92 -36.63 -6.50
C THR D 244 -10.79 -36.60 -7.78
N ASP D 245 -10.37 -37.34 -8.79
CA ASP D 245 -11.09 -37.39 -10.05
C ASP D 245 -12.49 -38.02 -9.88
N HIS D 246 -12.60 -39.03 -9.01
CA HIS D 246 -13.89 -39.61 -8.72
C HIS D 246 -14.84 -38.59 -8.11
N LEU D 247 -14.26 -37.67 -7.35
CA LEU D 247 -15.02 -36.65 -6.66
C LEU D 247 -15.30 -35.43 -7.53
N PHE D 248 -14.41 -35.11 -8.49
CA PHE D 248 -14.53 -33.85 -9.23
C PHE D 248 -14.60 -33.94 -10.74
N ALA D 249 -14.64 -35.14 -11.30
CA ALA D 249 -14.73 -35.28 -12.75
C ALA D 249 -15.95 -34.53 -13.23
N PRO D 250 -15.79 -33.82 -14.35
CA PRO D 250 -16.87 -32.96 -14.84
C PRO D 250 -18.21 -33.68 -15.04
N HIS D 251 -18.21 -34.87 -15.64
CA HIS D 251 -19.49 -35.48 -16.05
C HIS D 251 -20.23 -36.19 -14.92
N ASP D 252 -19.49 -36.89 -14.06
CA ASP D 252 -20.13 -37.72 -13.01
C ASP D 252 -19.47 -37.62 -11.62
N GLY D 253 -18.66 -36.58 -11.40
CA GLY D 253 -17.93 -36.41 -10.13
C GLY D 253 -18.85 -36.43 -8.95
N SER D 254 -18.51 -37.24 -7.93
CA SER D 254 -19.27 -37.35 -6.68
C SER D 254 -20.66 -37.97 -6.81
N SER D 255 -20.96 -38.63 -7.94
CA SER D 255 -22.13 -39.52 -8.02
C SER D 255 -22.04 -40.55 -6.88
N PRO D 256 -23.17 -41.21 -6.54
CA PRO D 256 -23.07 -42.28 -5.54
C PRO D 256 -21.98 -43.31 -5.86
N PHE D 257 -21.93 -43.78 -7.11
CA PHE D 257 -20.86 -44.70 -7.51
C PHE D 257 -19.48 -44.11 -7.30
N ASN D 258 -19.29 -42.89 -7.74
CA ASN D 258 -17.95 -42.30 -7.75
C ASN D 258 -17.48 -41.88 -6.35
N ALA D 259 -18.42 -41.43 -5.52
CA ALA D 259 -18.10 -41.12 -4.13
C ALA D 259 -17.67 -42.37 -3.37
N LYS D 260 -18.37 -43.47 -3.56
CA LYS D 260 -18.02 -44.74 -2.95
C LYS D 260 -16.69 -45.26 -3.51
N ALA D 261 -16.51 -45.12 -4.83
CA ALA D 261 -15.27 -45.57 -5.46
C ALA D 261 -14.07 -44.86 -4.85
N ALA D 262 -14.21 -43.57 -4.56
CA ALA D 262 -13.15 -42.76 -3.98
C ALA D 262 -12.70 -43.27 -2.62
N VAL D 263 -13.68 -43.58 -1.80
CA VAL D 263 -13.42 -44.12 -0.45
C VAL D 263 -12.80 -45.51 -0.52
N ALA D 264 -13.26 -46.33 -1.45
CA ALA D 264 -12.66 -47.65 -1.64
C ALA D 264 -11.22 -47.58 -2.08
N LEU D 265 -10.86 -46.62 -2.94
CA LEU D 265 -9.48 -46.49 -3.43
C LEU D 265 -8.54 -46.13 -2.30
N LEU D 266 -9.00 -45.29 -1.38
CA LEU D 266 -8.22 -44.93 -0.20
C LEU D 266 -7.85 -46.18 0.60
N LYS D 267 -8.79 -47.10 0.71
CA LYS D 267 -8.56 -48.32 1.47
C LYS D 267 -7.73 -49.30 0.68
N GLU D 268 -8.02 -49.39 -0.62
CA GLU D 268 -7.18 -50.19 -1.49
C GLU D 268 -5.73 -49.75 -1.32
N ALA D 269 -5.52 -48.43 -1.31
CA ALA D 269 -4.19 -47.85 -1.13
C ALA D 269 -3.52 -48.35 0.15
N LYS D 270 -4.24 -48.29 1.28
CA LYS D 270 -3.72 -48.77 2.54
C LYS D 270 -3.18 -50.21 2.46
N THR D 271 -3.83 -51.10 1.71
CA THR D 271 -3.33 -52.48 1.59
C THR D 271 -1.99 -52.52 0.86
N GLN D 272 -1.73 -51.51 0.04
CA GLN D 272 -0.50 -51.39 -0.71
C GLN D 272 0.54 -50.62 0.09
N GLY D 273 0.28 -50.41 1.37
CA GLY D 273 1.22 -49.72 2.24
C GLY D 273 1.20 -48.22 2.12
N ILE D 274 0.20 -47.68 1.41
CA ILE D 274 0.10 -46.24 1.20
C ILE D 274 -0.96 -45.59 2.10
N ASN D 275 -0.48 -44.76 3.03
CA ASN D 275 -1.31 -44.34 4.13
C ASN D 275 -2.03 -43.04 3.87
N PHE D 276 -3.34 -43.15 3.83
CA PHE D 276 -4.21 -42.00 3.89
C PHE D 276 -5.09 -42.12 5.14
N ASP D 277 -5.24 -41.01 5.83
CA ASP D 277 -6.17 -40.87 6.95
C ASP D 277 -7.63 -40.83 6.42
N LEU D 278 -8.37 -41.91 6.66
CA LEU D 278 -9.75 -42.04 6.20
C LEU D 278 -10.71 -40.97 6.77
N ASN D 279 -10.73 -40.81 8.09
CA ASN D 279 -11.62 -39.83 8.71
C ASN D 279 -11.33 -38.40 8.22
N ASN D 280 -10.06 -38.09 8.00
CA ASN D 280 -9.66 -36.77 7.48
C ASN D 280 -10.14 -36.58 6.03
N LEU D 281 -10.17 -37.66 5.24
CA LEU D 281 -10.79 -37.61 3.91
C LEU D 281 -12.29 -37.42 4.03
N LEU D 282 -12.91 -38.25 4.86
CA LEU D 282 -14.34 -38.17 5.08
C LEU D 282 -14.79 -36.77 5.47
N SER D 283 -14.13 -36.17 6.45
CA SER D 283 -14.54 -34.85 6.94
C SER D 283 -14.34 -33.72 5.91
N LYS D 284 -13.46 -33.93 4.93
CA LYS D 284 -13.16 -32.86 3.92
C LYS D 284 -13.84 -33.02 2.54
N LEU D 285 -14.65 -34.08 2.38
CA LEU D 285 -15.39 -34.32 1.12
C LEU D 285 -16.37 -33.20 0.79
N PRO D 286 -16.67 -33.00 -0.51
CA PRO D 286 -17.74 -32.03 -0.83
C PRO D 286 -19.10 -32.57 -0.42
N ASN D 287 -19.99 -31.68 0.03
CA ASN D 287 -21.31 -32.10 0.55
C ASN D 287 -22.04 -33.08 -0.39
N LYS D 288 -21.87 -32.89 -1.69
CA LYS D 288 -22.45 -33.80 -2.68
C LYS D 288 -21.98 -35.26 -2.46
N ALA D 289 -20.69 -35.46 -2.26
CA ALA D 289 -20.17 -36.80 -1.95
C ALA D 289 -20.59 -37.24 -0.55
N LYS D 290 -20.53 -36.32 0.43
CA LYS D 290 -21.07 -36.62 1.77
C LYS D 290 -22.47 -37.20 1.59
N GLU D 291 -23.33 -36.49 0.86
CA GLU D 291 -24.74 -36.90 0.71
C GLU D 291 -24.88 -38.26 0.01
N ASN D 292 -24.13 -38.49 -1.05
CA ASN D 292 -24.28 -39.74 -1.83
C ASN D 292 -23.55 -40.93 -1.23
N LEU D 293 -22.70 -40.69 -0.23
CA LEU D 293 -21.98 -41.76 0.48
C LEU D 293 -22.73 -42.26 1.73
#